data_9B1A
#
_entry.id   9B1A
#
_cell.length_a   1.00
_cell.length_b   1.00
_cell.length_c   1.00
_cell.angle_alpha   90.00
_cell.angle_beta   90.00
_cell.angle_gamma   90.00
#
_symmetry.space_group_name_H-M   'P 1'
#
loop_
_entity.id
_entity.type
_entity.pdbx_description
1 polymer 'Capsid protein VP1'
2 polymer 'viral protein 3'
3 polymer 'viral protein 2'
4 polymer 'Capsid protein VP4'
5 non-polymer (5M)-5-{8-[({4-[(propan-2-yl)oxy]phenyl}methyl)amino]quinolin-4-yl}pyridine-2-carbonitrile
#
loop_
_entity_poly.entity_id
_entity_poly.type
_entity_poly.pdbx_seq_one_letter_code
_entity_poly.pdbx_strand_id
1 'polypeptide(L)'
;LDHLHAAEAAYQIESIIKTATDTVKSEINAELGVVPSLNAVETGATSNTEPEEAIQTRTVINQHGVSETLVENFLSRAAL
VSKRSFEYKDHTSSTARADKNFFKWTINTRSFVQLRRKLELFTYLRFDAEITILTTVAVNGSGNNTYVGLPDLTLQAMFV
PTGALTPEKQDSFHWQSGSNASVFFKISDPPARITIPFMCINSAYSVFYDGFAGFEKNGLYGINPADTIGNLCVRIVNEH
QPVGFTVTVRVYMKPKHIKAWAPRPPRTLPYMSIANANYKGKERAPNALSAIIGNRDSVKTMPHNIVNT
;
A
2 'polypeptide(L)'
;GVPTYLLPGSGQFLTTDDHSSAPALPCFNPTPEMHIPGQVRNMLEVVQVESMMEINNTESAVGMERLKVDISALTDVDQL
LFNIPLDIQLDGPLRNTLVGNISRYYTHWSGSLEMTFMFCGSFMAAGKLILCYTPPGGSCPTTRETAMLGTHIVWDFGLQ
SSVTLIIPWISGSHYRMFNNDAKSTNANVGYVTCFMQTNLIVPSESSDTCSLIGFIAAKDDFSLRLMRDSPDIGQLDHLH
AAEAAYQ
;
B
3 'polypeptide(L)'
;SPSAEACGYSDRVLQLKLGNSAIVTQEAANYCCAYGEWPNYLPDHEAVAIDKPTQPETATDRFYTLKSVKWETGSTGWWW
KLPDALNNIGMFGQNVQHHYLYRSGFLIHVQCNATKFHQGALLVVAIPEHQRGAHNTNTSPGFDDIMKGEEGGTFNHPYV
LDDGTSLACATIFPHQWINLRTNNSATIVLPWMNAAPMDFPLRHNQWTLAIIPVVPLGTRTTSSMVPITVSIAPMCCEFN
GLRHAITQ
;
C
4 'polypeptide(L)' MGAQVTRQQTGTHENANIATNGSHITYNQINFYKDSYAASASKQDFSQDPSKFTEPVVEGLKAGAPVLK D
#
loop_
_chem_comp.id
_chem_comp.type
_chem_comp.name
_chem_comp.formula
A1AIF non-polymer (5M)-5-{8-[({4-[(propan-2-yl)oxy]phenyl}methyl)amino]quinolin-4-yl}pyridine-2-carbonitrile 'C25 H22 N4 O'
#
# COMPACT_ATOMS: atom_id res chain seq x y z
N ILE A 13 2.70 -7.30 -20.03
CA ILE A 13 3.62 -8.40 -20.26
C ILE A 13 4.80 -8.32 -19.28
N GLU A 14 5.14 -9.47 -18.68
CA GLU A 14 6.35 -9.60 -17.88
C GLU A 14 7.59 -9.48 -18.77
N SER A 15 8.49 -8.55 -18.44
CA SER A 15 9.74 -8.42 -19.19
C SER A 15 10.85 -7.92 -18.26
N ILE A 16 12.08 -8.16 -18.68
CA ILE A 16 13.27 -7.70 -17.98
C ILE A 16 13.52 -6.23 -18.28
N ILE A 17 13.48 -5.40 -17.26
CA ILE A 17 13.68 -3.95 -17.38
C ILE A 17 14.90 -3.56 -16.54
N LYS A 18 15.94 -3.07 -17.19
CA LYS A 18 17.13 -2.58 -16.49
C LYS A 18 17.28 -1.08 -16.52
N THR A 19 16.76 -0.40 -17.55
CA THR A 19 16.85 1.04 -17.68
C THR A 19 15.48 1.61 -18.04
N ALA A 20 15.32 2.91 -17.76
CA ALA A 20 14.10 3.62 -18.13
C ALA A 20 13.90 3.64 -19.64
N THR A 21 12.64 3.78 -20.06
CA THR A 21 12.33 3.69 -21.47
C THR A 21 12.85 4.89 -22.25
N ASP A 22 13.27 4.62 -23.48
CA ASP A 22 13.65 5.62 -24.47
C ASP A 22 12.45 6.40 -24.99
N THR A 23 12.73 7.63 -25.43
CA THR A 23 11.75 8.48 -26.11
C THR A 23 12.01 8.51 -27.61
N VAL A 24 10.98 8.26 -28.40
CA VAL A 24 11.02 8.39 -29.86
C VAL A 24 10.57 9.80 -30.26
N LYS A 25 11.13 10.31 -31.35
CA LYS A 25 10.59 11.51 -31.98
C LYS A 25 9.15 11.28 -32.45
N SER A 26 8.34 12.33 -32.37
CA SER A 26 6.97 12.29 -32.86
C SER A 26 6.67 13.51 -33.73
N GLU A 27 5.73 13.33 -34.68
CA GLU A 27 5.30 14.35 -35.62
C GLU A 27 4.03 15.04 -35.14
N ILE A 28 3.51 15.95 -35.98
CA ILE A 28 2.14 16.44 -35.86
C ILE A 28 1.11 15.32 -36.03
N ASN A 29 0.02 15.39 -35.25
CA ASN A 29 -1.11 14.48 -35.35
C ASN A 29 -2.42 15.21 -35.64
N ALA A 30 -3.25 14.60 -36.50
CA ALA A 30 -4.53 15.15 -36.91
C ALA A 30 -5.45 14.04 -37.42
N GLU A 31 -5.57 12.94 -36.69
CA GLU A 31 -6.34 11.79 -37.18
C GLU A 31 -7.71 11.74 -36.52
N LEU A 32 -8.76 11.64 -37.34
CA LEU A 32 -10.11 11.42 -36.85
C LEU A 32 -10.25 10.03 -36.25
N GLY A 33 -10.98 9.95 -35.14
CA GLY A 33 -11.20 8.70 -34.44
C GLY A 33 -10.06 8.21 -33.59
N VAL A 34 -8.93 8.88 -33.60
CA VAL A 34 -7.77 8.54 -32.78
C VAL A 34 -7.57 9.63 -31.74
N VAL A 35 -7.66 9.27 -30.47
CA VAL A 35 -7.72 10.32 -29.46
C VAL A 35 -6.96 9.89 -28.19
N PRO A 36 -5.63 9.75 -28.30
CA PRO A 36 -4.86 9.08 -27.22
C PRO A 36 -4.82 9.79 -25.87
N SER A 37 -5.13 11.09 -25.77
CA SER A 37 -5.16 11.74 -24.46
C SER A 37 -6.46 11.53 -23.69
N LEU A 38 -7.54 11.15 -24.37
CA LEU A 38 -8.76 10.73 -23.68
C LEU A 38 -8.61 9.34 -23.06
N ASN A 39 -9.24 9.17 -21.89
CA ASN A 39 -9.10 7.98 -21.07
C ASN A 39 -10.44 7.71 -20.38
N ALA A 40 -10.54 6.53 -19.76
CA ALA A 40 -11.66 6.20 -18.88
C ALA A 40 -11.14 5.62 -17.56
N VAL A 41 -11.03 6.49 -16.55
CA VAL A 41 -10.64 6.12 -15.20
C VAL A 41 -11.57 5.08 -14.56
N GLU A 42 -12.85 5.02 -14.97
CA GLU A 42 -13.81 4.10 -14.36
C GLU A 42 -13.48 2.63 -14.61
N THR A 43 -12.73 2.29 -15.65
CA THR A 43 -12.29 0.91 -15.83
C THR A 43 -11.39 0.43 -14.70
N GLY A 44 -10.73 1.34 -14.00
CA GLY A 44 -9.70 1.01 -13.05
C GLY A 44 -8.31 0.90 -13.64
N ALA A 45 -8.18 0.96 -14.95
CA ALA A 45 -6.86 1.07 -15.57
C ALA A 45 -6.31 2.47 -15.41
N THR A 46 -4.99 2.55 -15.32
CA THR A 46 -4.27 3.81 -15.39
C THR A 46 -4.16 4.27 -16.85
N SER A 47 -4.05 5.58 -17.03
CA SER A 47 -3.85 6.19 -18.35
C SER A 47 -2.69 5.58 -19.13
N ASN A 48 -2.98 5.20 -20.38
CA ASN A 48 -1.98 4.69 -21.31
C ASN A 48 -1.42 5.75 -22.27
N THR A 49 -1.80 7.02 -22.10
CA THR A 49 -1.30 8.12 -22.92
C THR A 49 0.21 8.26 -22.84
N GLU A 50 0.86 8.14 -23.92
CA GLU A 50 2.30 8.33 -23.99
C GLU A 50 2.65 9.79 -24.26
N PRO A 51 3.86 10.21 -23.84
CA PRO A 51 4.36 11.55 -24.22
C PRO A 51 4.44 11.83 -25.71
N GLU A 52 4.86 10.85 -26.51
CA GLU A 52 4.85 10.96 -27.97
C GLU A 52 3.47 11.23 -28.53
N GLU A 53 2.41 10.89 -27.81
CA GLU A 53 1.05 11.17 -28.20
C GLU A 53 0.57 12.55 -27.74
N ALA A 54 1.08 13.04 -26.61
CA ALA A 54 0.61 14.29 -26.02
C ALA A 54 1.32 15.53 -26.56
N ILE A 55 2.59 15.43 -26.94
CA ILE A 55 3.41 16.55 -27.43
C ILE A 55 4.29 15.99 -28.55
N GLN A 56 4.88 16.89 -29.33
CA GLN A 56 6.02 16.53 -30.18
C GLN A 56 7.30 16.33 -29.36
N THR A 57 7.87 15.13 -29.47
CA THR A 57 9.07 14.73 -28.75
C THR A 57 10.27 14.68 -29.68
N ARG A 58 11.46 14.73 -29.09
CA ARG A 58 12.69 14.29 -29.74
C ARG A 58 13.01 12.83 -29.38
N THR A 59 13.92 12.25 -30.15
CA THR A 59 14.53 10.98 -29.74
C THR A 59 15.49 11.18 -28.57
N VAL A 60 15.33 10.35 -27.53
CA VAL A 60 16.21 10.36 -26.36
C VAL A 60 16.59 8.92 -26.04
N ILE A 61 17.89 8.61 -26.08
CA ILE A 61 18.39 7.30 -25.66
C ILE A 61 18.62 7.35 -24.15
N ASN A 62 17.79 6.65 -23.40
CA ASN A 62 17.74 6.79 -21.96
C ASN A 62 18.63 5.72 -21.31
N GLN A 63 19.61 6.16 -20.53
CA GLN A 63 20.54 5.25 -19.87
C GLN A 63 20.27 5.04 -18.38
N HIS A 64 19.30 5.73 -17.79
CA HIS A 64 19.08 5.68 -16.34
C HIS A 64 18.69 4.29 -15.83
N GLY A 65 19.54 3.74 -14.96
CA GLY A 65 19.27 2.43 -14.37
C GLY A 65 18.12 2.45 -13.38
N VAL A 66 17.48 1.29 -13.21
CA VAL A 66 16.36 1.13 -12.28
C VAL A 66 16.69 0.21 -11.11
N SER A 67 17.98 -0.05 -10.84
CA SER A 67 18.35 -1.04 -9.82
C SER A 67 18.07 -0.57 -8.40
N GLU A 68 18.10 0.73 -8.13
CA GLU A 68 17.93 1.16 -6.75
C GLU A 68 16.51 1.04 -6.24
N THR A 69 15.52 0.95 -7.12
CA THR A 69 14.13 0.73 -6.73
C THR A 69 13.72 -0.75 -6.73
N LEU A 70 14.64 -1.67 -6.95
CA LEU A 70 14.37 -3.09 -6.71
C LEU A 70 13.89 -3.31 -5.28
N VAL A 71 12.85 -4.13 -5.14
CA VAL A 71 12.31 -4.46 -3.82
C VAL A 71 13.40 -5.02 -2.90
N GLU A 72 14.32 -5.82 -3.46
CA GLU A 72 15.46 -6.28 -2.68
C GLU A 72 16.26 -5.12 -2.10
N ASN A 73 16.64 -4.15 -2.94
CA ASN A 73 17.41 -3.01 -2.48
C ASN A 73 16.60 -2.08 -1.59
N PHE A 74 15.32 -1.92 -1.89
CA PHE A 74 14.46 -1.03 -1.13
C PHE A 74 14.29 -1.50 0.31
N LEU A 75 14.12 -2.81 0.51
CA LEU A 75 13.96 -3.38 1.84
C LEU A 75 15.24 -3.92 2.49
N SER A 76 16.20 -4.47 1.74
CA SER A 76 17.34 -5.16 2.36
C SER A 76 18.41 -4.18 2.84
N ARG A 77 18.06 -3.41 3.87
CA ARG A 77 19.03 -2.71 4.68
C ARG A 77 18.67 -2.81 6.17
N ALA A 78 19.70 -2.91 7.01
CA ALA A 78 19.52 -3.20 8.43
C ALA A 78 18.78 -2.07 9.16
N ALA A 79 17.71 -2.43 9.86
CA ALA A 79 16.93 -1.49 10.67
C ALA A 79 16.81 -2.00 12.10
N LEU A 80 16.89 -1.06 13.04
CA LEU A 80 16.61 -1.31 14.45
C LEU A 80 15.20 -1.83 14.71
N VAL A 81 15.11 -2.98 15.38
CA VAL A 81 13.85 -3.63 15.70
C VAL A 81 13.62 -3.72 17.20
N SER A 82 14.67 -3.66 18.01
CA SER A 82 14.58 -3.84 19.45
C SER A 82 15.70 -3.05 20.11
N LYS A 83 15.39 -2.27 21.14
CA LYS A 83 16.40 -1.64 21.99
C LYS A 83 16.01 -1.77 23.45
N ARG A 84 16.89 -2.35 24.27
CA ARG A 84 16.64 -2.54 25.69
C ARG A 84 17.85 -2.13 26.54
N SER A 85 17.60 -1.36 27.59
CA SER A 85 18.61 -1.05 28.61
C SER A 85 18.28 -1.74 29.92
N PHE A 86 19.29 -2.34 30.55
CA PHE A 86 19.13 -2.94 31.86
C PHE A 86 20.35 -2.67 32.72
N GLU A 87 20.17 -2.79 34.03
CA GLU A 87 21.26 -2.64 34.98
C GLU A 87 22.03 -3.94 35.14
N TYR A 88 23.34 -3.85 34.94
CA TYR A 88 24.27 -4.89 35.33
C TYR A 88 24.79 -4.57 36.72
N LYS A 89 24.22 -5.22 37.73
CA LYS A 89 24.58 -4.97 39.12
C LYS A 89 24.18 -6.18 39.97
N ASP A 90 24.47 -6.10 41.26
CA ASP A 90 23.90 -6.99 42.28
C ASP A 90 22.41 -6.66 42.45
N HIS A 91 21.54 -7.58 42.05
CA HIS A 91 20.10 -7.36 42.03
C HIS A 91 19.35 -7.99 43.21
N THR A 92 20.06 -8.45 44.24
CA THR A 92 19.40 -9.15 45.35
C THR A 92 18.27 -8.34 45.99
N SER A 93 18.31 -7.02 45.94
CA SER A 93 17.28 -6.18 46.52
C SER A 93 16.41 -5.46 45.51
N SER A 94 16.57 -5.72 44.22
CA SER A 94 15.79 -4.98 43.24
C SER A 94 14.36 -5.53 43.14
N THR A 95 13.48 -4.71 42.57
CA THR A 95 12.06 -5.05 42.46
C THR A 95 11.82 -6.01 41.32
N ALA A 98 12.10 -5.47 37.54
CA ALA A 98 13.42 -5.10 37.03
C ALA A 98 14.01 -6.20 36.16
N ASP A 99 14.82 -5.81 35.19
CA ASP A 99 15.64 -6.73 34.40
C ASP A 99 16.92 -7.02 35.18
N LYS A 100 16.96 -8.18 35.82
CA LYS A 100 18.03 -8.52 36.77
C LYS A 100 19.16 -9.24 36.04
N ASN A 101 19.99 -8.46 35.37
CA ASN A 101 21.10 -8.89 34.52
C ASN A 101 20.72 -9.64 33.26
N PHE A 102 19.43 -9.71 32.91
CA PHE A 102 19.01 -10.30 31.65
C PHE A 102 17.65 -9.72 31.30
N PHE A 103 17.26 -9.85 30.02
CA PHE A 103 15.92 -9.49 29.57
C PHE A 103 15.39 -10.54 28.60
N LYS A 104 14.06 -10.58 28.48
CA LYS A 104 13.34 -11.35 27.47
C LYS A 104 12.57 -10.40 26.56
N TRP A 105 12.70 -10.56 25.24
CA TRP A 105 11.92 -9.79 24.26
C TRP A 105 11.03 -10.69 23.41
N THR A 106 9.73 -10.42 23.42
CA THR A 106 8.83 -11.06 22.46
C THR A 106 9.01 -10.42 21.08
N ILE A 107 9.52 -11.20 20.13
CA ILE A 107 9.98 -10.70 18.85
C ILE A 107 8.83 -10.10 18.03
N ASN A 108 9.00 -8.85 17.58
CA ASN A 108 8.03 -8.19 16.71
C ASN A 108 8.74 -7.17 15.84
N THR A 109 8.10 -6.78 14.72
CA THR A 109 8.60 -5.68 13.89
C THR A 109 7.84 -4.36 14.01
N ARG A 110 6.85 -4.26 14.86
CA ARG A 110 5.96 -3.09 14.91
C ARG A 110 6.46 -1.96 15.80
N SER A 111 7.59 -2.11 16.49
CA SER A 111 7.96 -1.12 17.49
C SER A 111 8.64 0.13 16.95
N PHE A 112 9.36 0.04 15.83
CA PHE A 112 10.12 1.17 15.31
C PHE A 112 9.55 1.54 13.95
N VAL A 113 9.00 2.75 13.87
CA VAL A 113 8.11 3.17 12.80
C VAL A 113 8.76 3.21 11.41
N GLN A 114 10.06 3.46 11.31
CA GLN A 114 10.67 3.56 9.99
C GLN A 114 10.68 2.22 9.25
N LEU A 115 11.12 1.15 9.93
CA LEU A 115 10.99 -0.19 9.37
C LEU A 115 9.53 -0.62 9.22
N ARG A 116 8.72 -0.36 10.25
CA ARG A 116 7.31 -0.73 10.21
C ARG A 116 6.58 -0.17 8.98
N ARG A 117 6.70 1.13 8.74
CA ARG A 117 6.10 1.73 7.56
C ARG A 117 6.63 1.17 6.24
N LYS A 118 7.94 0.93 6.12
CA LYS A 118 8.46 0.30 4.90
C LYS A 118 7.85 -1.09 4.67
N LEU A 119 7.87 -1.93 5.70
CA LEU A 119 7.32 -3.28 5.55
C LEU A 119 5.83 -3.26 5.20
N GLU A 120 5.08 -2.38 5.83
CA GLU A 120 3.64 -2.25 5.60
C GLU A 120 3.27 -1.64 4.26
N LEU A 121 4.22 -1.31 3.40
CA LEU A 121 3.86 -1.05 2.01
C LEU A 121 3.43 -2.31 1.25
N PHE A 122 3.57 -3.50 1.85
CA PHE A 122 3.28 -4.78 1.22
C PHE A 122 2.33 -5.58 2.10
N THR A 123 1.55 -6.46 1.47
CA THR A 123 0.62 -7.36 2.16
C THR A 123 1.32 -8.65 2.59
N TYR A 124 2.06 -9.28 1.69
CA TYR A 124 2.77 -10.50 1.99
C TYR A 124 4.22 -10.34 1.66
N LEU A 125 5.08 -10.83 2.56
CA LEU A 125 6.53 -10.78 2.42
C LEU A 125 7.12 -12.14 2.77
N ARG A 126 8.04 -12.62 1.94
CA ARG A 126 8.86 -13.79 2.25
C ARG A 126 10.32 -13.39 2.17
N PHE A 127 11.04 -13.57 3.28
CA PHE A 127 12.47 -13.26 3.32
C PHE A 127 13.13 -13.99 4.48
N ASP A 128 14.45 -14.11 4.40
CA ASP A 128 15.34 -14.41 5.53
C ASP A 128 15.79 -13.13 6.24
N ALA A 129 16.02 -13.23 7.55
CA ALA A 129 16.40 -12.10 8.39
C ALA A 129 17.86 -12.20 8.84
N GLU A 130 18.69 -11.24 8.40
CA GLU A 130 20.01 -11.05 8.99
C GLU A 130 19.93 -10.19 10.26
N ILE A 131 20.37 -10.72 11.39
CA ILE A 131 20.27 -10.05 12.68
C ILE A 131 21.67 -9.61 13.12
N THR A 132 21.80 -8.34 13.49
CA THR A 132 23.01 -7.80 14.10
C THR A 132 22.68 -7.34 15.52
N ILE A 133 23.53 -7.69 16.48
CA ILE A 133 23.34 -7.33 17.89
C ILE A 133 24.47 -6.42 18.31
N LEU A 134 24.15 -5.15 18.58
CA LEU A 134 25.10 -4.15 19.04
C LEU A 134 24.90 -3.84 20.52
N THR A 135 25.96 -3.94 21.30
CA THR A 135 25.89 -3.76 22.74
C THR A 135 26.79 -2.61 23.18
N THR A 136 26.34 -1.88 24.18
CA THR A 136 27.02 -0.70 24.68
C THR A 136 26.86 -0.69 26.19
N VAL A 137 27.84 -0.15 26.89
CA VAL A 137 27.87 -0.15 28.35
C VAL A 137 28.33 1.21 28.85
N ALA A 138 27.71 1.68 29.93
CA ALA A 138 28.12 2.87 30.65
C ALA A 138 28.18 2.60 32.15
N VAL A 139 29.11 3.27 32.84
CA VAL A 139 29.17 3.19 34.29
C VAL A 139 28.00 3.96 34.89
N ASN A 140 27.33 3.34 35.85
CA ASN A 140 26.26 4.03 36.58
C ASN A 140 26.83 5.13 37.46
N GLY A 141 26.08 6.23 37.56
CA GLY A 141 26.50 7.35 38.39
C GLY A 141 26.54 7.01 39.86
N TYR A 147 33.44 6.93 37.83
CA TYR A 147 33.86 6.20 36.63
C TYR A 147 35.04 5.28 36.92
N VAL A 148 35.02 4.10 36.28
CA VAL A 148 35.98 3.04 36.57
C VAL A 148 36.59 2.45 35.31
N GLY A 149 36.29 2.97 34.14
CA GLY A 149 36.49 2.24 32.91
C GLY A 149 35.32 1.32 32.63
N LEU A 150 35.31 0.79 31.41
CA LEU A 150 34.24 -0.07 30.94
C LEU A 150 34.70 -1.51 30.87
N PRO A 151 33.94 -2.44 31.44
CA PRO A 151 34.30 -3.86 31.39
C PRO A 151 34.00 -4.50 30.04
N ASP A 152 34.81 -5.48 29.68
CA ASP A 152 34.57 -6.31 28.49
C ASP A 152 33.74 -7.55 28.83
N LEU A 153 32.43 -7.35 28.89
CA LEU A 153 31.50 -8.40 29.27
C LEU A 153 31.25 -9.41 28.16
N THR A 154 30.96 -10.65 28.56
CA THR A 154 30.40 -11.66 27.69
C THR A 154 28.88 -11.68 27.83
N LEU A 155 28.18 -11.66 26.71
CA LEU A 155 26.73 -11.79 26.66
C LEU A 155 26.31 -13.06 25.94
N GLN A 156 25.15 -13.59 26.34
CA GLN A 156 24.50 -14.70 25.66
C GLN A 156 23.12 -14.28 25.16
N ALA A 157 22.91 -14.37 23.85
CA ALA A 157 21.58 -14.28 23.25
C ALA A 157 21.08 -15.68 22.93
N MET A 158 19.90 -16.03 23.43
CA MET A 158 19.29 -17.33 23.18
C MET A 158 17.92 -17.17 22.53
N PHE A 159 17.73 -17.79 21.37
CA PHE A 159 16.42 -17.86 20.73
C PHE A 159 15.59 -18.93 21.45
N VAL A 160 14.43 -18.52 21.95
CA VAL A 160 13.50 -19.41 22.63
C VAL A 160 12.22 -19.47 21.81
N PRO A 161 12.08 -20.48 20.94
CA PRO A 161 10.87 -20.61 20.11
C PRO A 161 9.59 -20.77 20.93
N THR A 162 8.47 -20.72 20.20
CA THR A 162 7.15 -20.97 20.75
C THR A 162 7.10 -22.29 21.53
N GLY A 163 6.60 -22.20 22.76
CA GLY A 163 6.43 -23.35 23.63
C GLY A 163 7.65 -23.88 24.32
N ALA A 164 8.83 -23.33 24.04
CA ALA A 164 10.00 -23.55 24.87
C ALA A 164 9.93 -22.69 26.14
N LEU A 165 10.64 -23.13 27.17
CA LEU A 165 10.70 -22.42 28.44
C LEU A 165 11.67 -21.26 28.37
N THR A 166 11.22 -20.06 28.76
CA THR A 166 12.13 -18.91 28.91
C THR A 166 12.84 -18.94 30.26
N PRO A 167 14.08 -18.45 30.29
CA PRO A 167 14.79 -18.26 31.57
C PRO A 167 14.06 -17.33 32.52
N GLU A 168 14.04 -17.71 33.79
CA GLU A 168 13.52 -16.88 34.87
C GLU A 168 14.60 -16.10 35.62
N LYS A 169 15.87 -16.49 35.50
CA LYS A 169 16.97 -15.89 36.24
C LYS A 169 18.22 -15.85 35.37
N GLN A 170 19.15 -14.97 35.74
CA GLN A 170 20.41 -14.88 35.02
C GLN A 170 21.18 -16.20 35.01
N ASP A 171 21.07 -16.97 36.09
CA ASP A 171 21.79 -18.23 36.22
C ASP A 171 20.88 -19.45 36.27
N SER A 172 19.63 -19.34 35.82
CA SER A 172 18.80 -20.52 35.67
C SER A 172 19.42 -21.47 34.65
N PHE A 173 19.10 -22.74 34.79
CA PHE A 173 19.62 -23.80 33.92
C PHE A 173 19.07 -23.77 32.50
N HIS A 174 18.03 -22.99 32.24
CA HIS A 174 17.56 -22.77 30.87
C HIS A 174 18.70 -22.33 29.95
N TRP A 175 19.61 -21.50 30.47
CA TRP A 175 20.75 -21.00 29.69
C TRP A 175 21.74 -22.09 29.29
N GLN A 176 21.65 -23.31 29.81
CA GLN A 176 22.55 -24.36 29.35
C GLN A 176 22.31 -24.73 27.88
N SER A 177 21.15 -24.39 27.32
CA SER A 177 20.92 -24.27 25.87
C SER A 177 21.25 -25.54 25.07
N GLY A 178 20.76 -26.68 25.54
CA GLY A 178 21.07 -27.93 24.87
C GLY A 178 20.59 -28.01 23.44
N SER A 179 19.45 -27.39 23.12
CA SER A 179 18.88 -27.42 21.78
C SER A 179 18.50 -26.06 21.24
N ASN A 180 18.31 -25.05 22.08
CA ASN A 180 18.16 -23.69 21.60
C ASN A 180 19.43 -23.18 20.94
N ALA A 181 19.27 -22.40 19.89
CA ALA A 181 20.36 -21.60 19.35
C ALA A 181 20.74 -20.48 20.33
N SER A 182 21.99 -20.45 20.72
CA SER A 182 22.59 -19.37 21.49
C SER A 182 23.79 -18.83 20.73
N VAL A 183 24.01 -17.52 20.84
CA VAL A 183 25.28 -16.91 20.46
C VAL A 183 25.89 -16.21 21.68
N PHE A 184 27.16 -16.50 21.92
CA PHE A 184 27.96 -15.86 22.97
C PHE A 184 28.89 -14.84 22.32
N PHE A 185 28.90 -13.61 22.84
CA PHE A 185 29.66 -12.55 22.20
C PHE A 185 30.14 -11.54 23.23
N LYS A 186 31.28 -10.95 22.95
CA LYS A 186 31.93 -9.93 23.76
C LYS A 186 31.50 -8.53 23.32
N ILE A 187 31.59 -7.59 24.28
CA ILE A 187 31.38 -6.18 23.98
C ILE A 187 32.50 -5.59 23.13
N SER A 188 33.74 -6.02 23.32
CA SER A 188 34.84 -5.54 22.48
C SER A 188 34.82 -6.12 21.07
N ASP A 189 34.15 -7.25 20.84
CA ASP A 189 33.99 -7.77 19.49
C ASP A 189 33.21 -6.82 18.59
N PRO A 190 33.34 -6.99 17.27
CA PRO A 190 32.29 -6.51 16.36
C PRO A 190 30.91 -7.01 16.78
N PRO A 191 29.86 -6.31 16.40
CA PRO A 191 28.48 -6.79 16.64
C PRO A 191 28.24 -8.23 16.20
N ALA A 192 27.56 -8.99 17.05
CA ALA A 192 27.21 -10.38 16.72
C ALA A 192 26.21 -10.42 15.57
N ARG A 193 26.43 -11.35 14.62
CA ARG A 193 25.58 -11.46 13.44
C ARG A 193 25.17 -12.91 13.12
N ILE A 194 23.87 -13.14 12.97
CA ILE A 194 23.32 -14.41 12.48
C ILE A 194 22.22 -14.17 11.46
N THR A 195 21.95 -15.18 10.63
CA THR A 195 20.76 -15.21 9.78
C THR A 195 19.73 -16.18 10.36
N ILE A 196 18.50 -15.71 10.49
CA ILE A 196 17.35 -16.57 10.74
C ILE A 196 16.67 -16.87 9.40
N PRO A 197 16.36 -18.13 9.10
CA PRO A 197 15.67 -18.44 7.85
C PRO A 197 14.24 -17.89 7.90
N PHE A 198 13.66 -17.71 6.72
CA PHE A 198 12.21 -17.55 6.58
C PHE A 198 11.50 -18.71 7.26
N MET A 199 10.72 -18.41 8.29
CA MET A 199 10.23 -19.44 9.20
C MET A 199 8.74 -19.38 9.46
N CYS A 200 7.96 -18.67 8.63
CA CYS A 200 6.51 -18.78 8.68
C CYS A 200 6.06 -20.21 8.34
N ILE A 201 4.98 -20.66 8.98
CA ILE A 201 4.33 -21.90 8.56
C ILE A 201 3.51 -21.75 7.29
N ASN A 202 3.35 -20.54 6.79
CA ASN A 202 2.87 -20.28 5.45
C ASN A 202 4.02 -19.94 4.52
N SER A 203 3.69 -19.85 3.23
CA SER A 203 4.66 -19.47 2.21
C SER A 203 5.10 -18.01 2.30
N ALA A 204 4.34 -17.16 2.99
CA ALA A 204 4.75 -15.77 3.19
C ALA A 204 4.25 -15.29 4.55
N TYR A 205 4.97 -14.33 5.12
CA TYR A 205 4.47 -13.61 6.28
C TYR A 205 3.26 -12.78 5.90
N SER A 206 2.31 -12.68 6.82
CA SER A 206 1.15 -11.80 6.67
C SER A 206 1.47 -10.47 7.35
N VAL A 207 1.84 -9.47 6.55
CA VAL A 207 2.15 -8.15 7.11
C VAL A 207 0.89 -7.54 7.71
N PHE A 208 -0.26 -7.77 7.09
CA PHE A 208 -1.57 -7.43 7.62
C PHE A 208 -2.39 -8.69 7.73
N TYR A 209 -3.27 -8.73 8.72
CA TYR A 209 -4.08 -9.91 8.98
C TYR A 209 -5.47 -9.49 9.42
N ASP A 210 -6.44 -9.65 8.54
CA ASP A 210 -7.83 -9.32 8.83
C ASP A 210 -8.54 -10.51 9.49
N GLY A 211 -8.07 -10.87 10.67
CA GLY A 211 -8.60 -12.06 11.31
C GLY A 211 -8.28 -12.12 12.78
N PHE A 212 -8.78 -13.18 13.41
CA PHE A 212 -8.63 -13.42 14.83
C PHE A 212 -7.82 -14.69 15.07
N ALA A 213 -6.91 -14.62 16.03
CA ALA A 213 -5.90 -15.65 16.24
C ALA A 213 -6.45 -16.98 16.75
N GLY A 214 -7.61 -17.01 17.41
CA GLY A 214 -8.09 -18.21 18.03
C GLY A 214 -9.45 -18.68 17.52
N PHE A 215 -9.79 -19.91 17.89
CA PHE A 215 -11.08 -20.49 17.56
C PHE A 215 -12.22 -19.90 18.38
N GLU A 216 -11.94 -19.32 19.53
CA GLU A 216 -12.92 -18.53 20.27
C GLU A 216 -12.87 -17.07 19.82
N LYS A 217 -13.85 -16.30 20.29
CA LYS A 217 -13.99 -14.90 19.88
C LYS A 217 -13.03 -13.96 20.58
N ASN A 218 -12.48 -14.34 21.73
CA ASN A 218 -11.66 -13.45 22.54
C ASN A 218 -10.23 -13.29 22.05
N GLY A 219 -9.79 -14.08 21.09
CA GLY A 219 -8.41 -13.99 20.61
C GLY A 219 -8.10 -12.65 19.96
N LEU A 220 -6.79 -12.41 19.81
CA LEU A 220 -6.28 -11.15 19.25
C LEU A 220 -6.73 -10.95 17.80
N TYR A 221 -7.18 -9.74 17.51
CA TYR A 221 -7.31 -9.28 16.13
C TYR A 221 -5.95 -8.85 15.58
N GLY A 222 -5.79 -9.00 14.26
CA GLY A 222 -4.72 -8.34 13.53
C GLY A 222 -3.36 -9.01 13.51
N ILE A 223 -3.17 -10.18 14.10
CA ILE A 223 -1.89 -10.86 14.14
C ILE A 223 -2.09 -12.28 13.64
N ASN A 224 -1.45 -12.64 12.55
CA ASN A 224 -1.53 -14.02 12.07
C ASN A 224 -0.73 -14.93 13.00
N PRO A 225 -1.35 -15.92 13.63
CA PRO A 225 -0.59 -16.90 14.43
C PRO A 225 0.52 -17.60 13.64
N ALA A 226 0.35 -17.72 12.33
CA ALA A 226 1.35 -18.34 11.48
C ALA A 226 2.70 -17.63 11.51
N ASP A 227 2.75 -16.36 11.90
CA ASP A 227 3.96 -15.55 11.82
C ASP A 227 4.77 -15.51 13.11
N THR A 228 4.36 -16.21 14.17
CA THR A 228 5.04 -16.15 15.47
C THR A 228 6.48 -16.64 15.40
N ILE A 229 7.41 -15.79 15.80
CA ILE A 229 8.83 -16.14 15.82
C ILE A 229 9.23 -16.80 17.14
N GLY A 230 8.95 -16.13 18.26
CA GLY A 230 9.36 -16.57 19.57
C GLY A 230 9.94 -15.51 20.48
N ASN A 231 10.87 -15.87 21.34
CA ASN A 231 11.50 -14.91 22.25
C ASN A 231 13.00 -14.86 22.05
N LEU A 232 13.54 -13.65 22.18
CA LEU A 232 14.97 -13.43 22.30
C LEU A 232 15.29 -13.14 23.77
N CYS A 233 16.05 -14.02 24.39
CA CYS A 233 16.50 -13.86 25.77
C CYS A 233 17.99 -13.52 25.79
N VAL A 234 18.34 -12.44 26.46
CA VAL A 234 19.72 -11.94 26.47
C VAL A 234 20.15 -11.74 27.92
N ARG A 235 21.24 -12.37 28.31
CA ARG A 235 21.85 -12.17 29.61
C ARG A 235 23.30 -11.73 29.48
N ILE A 236 23.77 -11.05 30.51
CA ILE A 236 25.20 -10.99 30.80
C ILE A 236 25.62 -12.31 31.43
N VAL A 237 26.73 -12.86 30.96
CA VAL A 237 27.19 -14.16 31.47
C VAL A 237 28.01 -13.98 32.73
N ASN A 238 28.75 -12.87 32.84
CA ASN A 238 29.56 -12.59 34.04
C ASN A 238 28.69 -12.46 35.27
N GLU A 239 29.25 -12.91 36.40
CA GLU A 239 28.78 -12.49 37.72
C GLU A 239 28.80 -10.97 37.80
N HIS A 240 27.91 -10.41 38.62
CA HIS A 240 27.93 -8.98 38.84
C HIS A 240 29.27 -8.53 39.41
N GLN A 241 29.64 -7.30 39.11
CA GLN A 241 30.80 -6.61 39.66
C GLN A 241 30.45 -5.88 40.94
N PRO A 242 31.44 -5.37 41.66
CA PRO A 242 31.13 -4.53 42.84
C PRO A 242 30.39 -3.24 42.53
N VAL A 243 30.47 -2.71 41.31
CA VAL A 243 29.76 -1.49 40.93
C VAL A 243 28.79 -1.82 39.80
N GLY A 244 27.79 -0.96 39.65
CA GLY A 244 26.76 -1.14 38.64
C GLY A 244 27.07 -0.52 37.28
N PHE A 245 26.53 -1.15 36.24
CA PHE A 245 26.59 -0.63 34.89
C PHE A 245 25.21 -0.68 34.24
N THR A 246 24.98 0.20 33.28
CA THR A 246 23.86 0.08 32.36
C THR A 246 24.36 -0.56 31.06
N VAL A 247 23.71 -1.63 30.64
CA VAL A 247 23.94 -2.25 29.34
C VAL A 247 22.74 -1.98 28.45
N THR A 248 22.99 -1.52 27.23
CA THR A 248 21.97 -1.34 26.20
C THR A 248 22.23 -2.30 25.05
N VAL A 249 21.19 -3.02 24.64
CA VAL A 249 21.27 -3.94 23.53
C VAL A 249 20.38 -3.43 22.41
N ARG A 250 20.93 -3.41 21.21
CA ARG A 250 20.25 -3.00 20.00
C ARG A 250 20.24 -4.16 19.03
N VAL A 251 19.07 -4.52 18.55
CA VAL A 251 18.92 -5.56 17.55
C VAL A 251 18.53 -4.92 16.23
N TYR A 252 19.27 -5.24 15.18
CA TYR A 252 18.95 -4.85 13.81
C TYR A 252 18.58 -6.06 12.98
N MET A 253 17.58 -5.87 12.12
CA MET A 253 17.10 -6.88 11.21
C MET A 253 17.26 -6.38 9.78
N LYS A 254 17.85 -7.20 8.92
CA LYS A 254 17.91 -6.90 7.48
C LYS A 254 17.23 -8.01 6.70
N PRO A 255 16.08 -7.77 6.06
CA PRO A 255 15.51 -8.74 5.13
C PRO A 255 16.44 -9.04 3.97
N LYS A 256 16.50 -10.29 3.55
CA LYS A 256 17.22 -10.64 2.33
C LYS A 256 16.53 -11.81 1.64
N HIS A 257 16.80 -11.98 0.34
CA HIS A 257 16.13 -12.99 -0.49
C HIS A 257 14.62 -12.79 -0.49
N ILE A 258 14.22 -11.56 -0.79
CA ILE A 258 12.90 -11.02 -0.52
C ILE A 258 11.96 -11.30 -1.69
N LYS A 259 10.75 -11.77 -1.38
CA LYS A 259 9.59 -11.68 -2.25
C LYS A 259 8.47 -10.87 -1.59
N ALA A 260 7.76 -10.10 -2.40
CA ALA A 260 6.76 -9.15 -1.94
C ALA A 260 5.52 -9.19 -2.82
N TRP A 261 4.36 -9.11 -2.19
CA TRP A 261 3.10 -9.16 -2.93
C TRP A 261 2.14 -8.11 -2.40
N ALA A 262 1.30 -7.60 -3.32
CA ALA A 262 0.16 -6.71 -3.19
C ALA A 262 0.45 -5.41 -2.44
N PRO A 263 1.13 -4.46 -3.08
CA PRO A 263 1.43 -3.18 -2.42
C PRO A 263 0.18 -2.38 -2.04
N ARG A 264 0.34 -1.57 -1.00
CA ARG A 264 -0.71 -0.97 -0.20
C ARG A 264 -0.56 0.55 -0.12
N PRO A 265 -1.64 1.28 0.14
CA PRO A 265 -1.54 2.67 0.62
C PRO A 265 -0.62 2.78 1.83
N PRO A 266 0.37 3.67 1.78
CA PRO A 266 1.22 3.92 2.96
C PRO A 266 0.47 4.52 4.13
N ARG A 267 0.97 4.21 5.33
CA ARG A 267 0.59 4.87 6.57
C ARG A 267 0.74 6.39 6.51
N THR A 268 -0.35 7.10 6.81
CA THR A 268 -0.31 8.55 6.89
C THR A 268 -0.33 9.04 8.32
N LEU A 269 -1.21 8.50 9.15
CA LEU A 269 -1.39 8.94 10.52
C LEU A 269 -0.27 8.37 11.37
N PRO A 270 0.16 9.06 12.42
CA PRO A 270 1.11 8.45 13.35
C PRO A 270 0.55 7.16 13.93
N TYR A 271 1.39 6.15 14.02
CA TYR A 271 1.07 4.96 14.79
C TYR A 271 0.78 5.29 16.25
N MET A 272 -0.05 4.46 16.85
CA MET A 272 -0.43 4.57 18.25
C MET A 272 0.13 3.42 19.09
N SER A 273 0.12 2.22 18.54
CA SER A 273 0.29 0.98 19.29
C SER A 273 1.02 -0.03 18.42
N ILE A 274 1.66 -0.99 19.06
CA ILE A 274 2.27 -2.11 18.34
C ILE A 274 1.26 -3.23 18.08
N ALA A 275 0.17 -3.28 18.83
CA ALA A 275 -0.87 -4.30 18.68
C ALA A 275 -1.81 -4.08 17.50
N ASN A 276 -1.88 -2.89 16.92
CA ASN A 276 -2.96 -2.61 15.98
C ASN A 276 -2.58 -1.49 15.03
N ALA A 277 -3.47 -1.25 14.06
CA ALA A 277 -3.47 -0.10 13.16
C ALA A 277 -4.26 1.11 13.68
N ASN A 278 -4.57 1.19 14.98
CA ASN A 278 -5.31 2.34 15.51
C ASN A 278 -4.64 3.68 15.22
N TYR A 279 -5.47 4.69 15.00
CA TYR A 279 -5.09 5.95 14.39
C TYR A 279 -5.80 7.08 15.12
N LYS A 280 -5.11 8.19 15.26
CA LYS A 280 -5.63 9.45 15.78
C LYS A 280 -5.29 10.66 14.91
N GLY A 281 -4.10 10.68 14.32
CA GLY A 281 -3.59 11.84 13.63
C GLY A 281 -2.98 12.88 14.54
N LYS A 282 -2.19 13.75 13.95
CA LYS A 282 -1.77 15.01 14.55
C LYS A 282 -2.91 16.00 14.73
N GLU A 283 -2.74 16.88 15.71
CA GLU A 283 -3.72 17.93 16.02
C GLU A 283 -4.12 18.74 14.81
N ARG A 284 -3.18 19.06 13.94
CA ARG A 284 -3.46 19.84 12.75
C ARG A 284 -2.57 19.35 11.62
N ALA A 285 -2.96 19.69 10.40
CA ALA A 285 -2.25 19.25 9.21
C ALA A 285 -0.79 19.71 9.27
N PRO A 286 0.12 18.98 8.63
CA PRO A 286 -0.06 17.71 7.90
C PRO A 286 -0.32 16.50 8.81
N ASN A 287 -0.92 15.47 8.22
CA ASN A 287 -1.24 14.21 8.90
C ASN A 287 -2.17 14.39 10.09
N ALA A 288 -3.11 15.32 9.98
CA ALA A 288 -4.32 15.27 10.80
C ALA A 288 -5.33 14.33 10.15
N LEU A 289 -6.18 13.71 10.98
CA LEU A 289 -7.28 12.89 10.45
C LEU A 289 -8.13 13.62 9.42
N SER A 290 -8.32 14.92 9.58
CA SER A 290 -9.15 15.67 8.64
C SER A 290 -8.37 16.24 7.47
N ALA A 291 -7.05 16.33 7.56
CA ALA A 291 -6.24 16.99 6.53
C ALA A 291 -4.84 16.41 6.56
N ILE A 292 -4.49 15.66 5.52
CA ILE A 292 -3.19 15.01 5.45
C ILE A 292 -2.14 15.96 4.90
N ILE A 293 -2.50 16.71 3.89
CA ILE A 293 -1.65 17.76 3.34
C ILE A 293 -1.95 19.06 4.06
N GLY A 294 -0.90 19.84 4.35
CA GLY A 294 -1.07 21.17 4.90
C GLY A 294 -1.86 22.08 3.99
N ASN A 295 -2.63 22.98 4.61
CA ASN A 295 -3.48 23.88 3.86
C ASN A 295 -2.70 24.98 3.16
N ARG A 296 -3.18 25.36 1.97
CA ARG A 296 -2.92 26.63 1.32
C ARG A 296 -4.19 27.49 1.35
N ASP A 297 -4.03 28.77 1.01
CA ASP A 297 -5.14 29.73 1.12
C ASP A 297 -6.29 29.43 0.16
N SER A 298 -6.01 29.01 -1.06
CA SER A 298 -7.04 28.65 -2.01
C SER A 298 -6.44 27.72 -3.05
N VAL A 299 -7.31 27.10 -3.84
CA VAL A 299 -6.88 26.31 -4.99
C VAL A 299 -6.22 27.13 -6.08
N LYS A 300 -6.27 28.46 -5.99
CA LYS A 300 -5.57 29.36 -6.90
C LYS A 300 -4.28 29.90 -6.32
N THR A 301 -3.93 29.55 -5.10
CA THR A 301 -2.70 30.01 -4.46
C THR A 301 -1.54 29.08 -4.81
N MET A 302 -0.46 29.66 -5.34
CA MET A 302 0.77 28.93 -5.55
C MET A 302 1.72 29.20 -4.39
N PRO A 303 1.97 28.23 -3.49
CA PRO A 303 2.63 28.55 -2.22
C PRO A 303 4.05 29.09 -2.32
N HIS A 304 4.88 28.56 -3.20
CA HIS A 304 6.28 29.00 -3.31
C HIS A 304 6.54 29.71 -4.64
N ASN A 305 5.59 30.52 -5.08
CA ASN A 305 5.61 31.14 -6.40
C ASN A 305 6.88 31.97 -6.62
N ILE A 306 7.52 31.77 -7.77
CA ILE A 306 8.72 32.50 -8.16
C ILE A 306 8.34 33.92 -8.53
N VAL A 307 8.94 34.91 -7.87
CA VAL A 307 8.68 36.31 -8.18
C VAL A 307 10.00 37.06 -8.28
N ASN A 308 10.15 37.85 -9.34
CA ASN A 308 11.38 38.57 -9.63
C ASN A 308 11.10 40.00 -10.04
N GLY B 1 50.30 -20.95 7.92
CA GLY B 1 49.34 -19.87 7.99
C GLY B 1 49.47 -18.85 6.87
N VAL B 2 48.37 -18.17 6.60
CA VAL B 2 48.31 -17.13 5.58
C VAL B 2 48.71 -15.80 6.22
N PRO B 3 49.67 -15.08 5.67
CA PRO B 3 49.95 -13.73 6.15
C PRO B 3 48.85 -12.77 5.71
N THR B 4 48.36 -11.98 6.65
CA THR B 4 47.27 -11.06 6.39
C THR B 4 47.55 -9.75 7.12
N TYR B 5 46.81 -8.72 6.72
CA TYR B 5 46.74 -7.47 7.47
C TYR B 5 45.30 -6.97 7.38
N LEU B 6 44.89 -6.21 8.39
CA LEU B 6 43.56 -5.62 8.42
C LEU B 6 43.55 -4.22 7.83
N LEU B 7 42.58 -3.92 6.98
CA LEU B 7 42.35 -2.63 6.36
C LEU B 7 41.49 -1.72 7.24
N PRO B 8 41.53 -0.40 7.00
CA PRO B 8 40.45 0.47 7.47
C PRO B 8 39.05 -0.02 7.09
N GLY B 9 38.12 0.12 8.03
CA GLY B 9 36.79 -0.45 7.92
C GLY B 9 36.65 -1.85 8.47
N SER B 10 37.73 -2.46 8.94
CA SER B 10 37.63 -3.76 9.60
C SER B 10 36.79 -3.64 10.87
N GLY B 11 35.82 -4.55 11.02
CA GLY B 11 34.99 -4.65 12.20
C GLY B 11 33.86 -3.64 12.33
N GLN B 12 33.63 -2.80 11.32
CA GLN B 12 32.52 -1.86 11.32
C GLN B 12 31.18 -2.56 11.02
N PHE B 13 30.09 -1.99 11.50
CA PHE B 13 28.74 -2.38 11.10
C PHE B 13 28.17 -1.27 10.21
N LEU B 14 28.34 -1.46 8.90
CA LEU B 14 27.64 -0.69 7.88
C LEU B 14 26.25 -1.28 7.61
N THR B 15 25.20 -0.48 7.75
CA THR B 15 23.85 -1.00 7.66
C THR B 15 23.45 -1.36 6.23
N THR B 16 24.21 -0.93 5.23
CA THR B 16 23.95 -1.29 3.85
C THR B 16 24.91 -2.35 3.30
N ASP B 17 25.72 -2.97 4.15
CA ASP B 17 26.62 -4.02 3.69
C ASP B 17 25.84 -5.23 3.18
N ASP B 18 26.53 -6.08 2.43
CA ASP B 18 25.91 -7.26 1.81
C ASP B 18 26.86 -8.45 1.90
N HIS B 19 26.80 -9.16 3.02
CA HIS B 19 27.59 -10.36 3.23
C HIS B 19 26.69 -11.56 3.46
N SER B 20 27.23 -12.75 3.28
CA SER B 20 26.64 -13.93 3.91
C SER B 20 26.93 -13.93 5.41
N SER B 21 26.06 -14.57 6.18
CA SER B 21 26.25 -14.67 7.61
C SER B 21 25.81 -16.03 8.13
N ALA B 22 26.29 -16.37 9.31
CA ALA B 22 26.13 -17.69 9.90
C ALA B 22 24.66 -18.05 10.13
N PRO B 23 24.18 -19.16 9.56
CA PRO B 23 22.79 -19.60 9.79
C PRO B 23 22.62 -20.14 11.21
N ALA B 24 21.66 -19.56 11.94
CA ALA B 24 21.39 -19.95 13.33
C ALA B 24 20.66 -21.30 13.44
N LEU B 25 19.88 -21.68 12.45
CA LEU B 25 19.08 -22.90 12.47
C LEU B 25 19.56 -23.84 11.37
N PRO B 26 20.56 -24.66 11.64
CA PRO B 26 21.05 -25.59 10.61
C PRO B 26 20.00 -26.61 10.20
N CYS B 27 20.06 -27.01 8.93
CA CYS B 27 19.20 -27.98 8.27
C CYS B 27 17.72 -27.58 8.25
N PHE B 28 17.39 -26.35 8.61
CA PHE B 28 16.02 -25.87 8.53
C PHE B 28 15.51 -25.93 7.09
N ASN B 29 14.29 -26.39 6.91
CA ASN B 29 13.64 -26.43 5.62
C ASN B 29 12.50 -25.41 5.58
N PRO B 30 12.64 -24.31 4.84
CA PRO B 30 11.53 -23.35 4.70
C PRO B 30 10.29 -23.95 4.06
N THR B 31 9.14 -23.34 4.38
CA THR B 31 7.87 -23.72 3.76
C THR B 31 7.97 -23.59 2.25
N PRO B 32 7.52 -24.59 1.48
CA PRO B 32 7.51 -24.47 0.02
C PRO B 32 6.85 -23.17 -0.41
N GLU B 33 7.36 -22.61 -1.49
CA GLU B 33 6.71 -21.47 -2.11
C GLU B 33 5.36 -21.84 -2.74
N MET B 34 4.47 -20.87 -2.77
CA MET B 34 3.17 -20.97 -3.38
C MET B 34 3.02 -19.73 -4.25
N HIS B 35 2.35 -19.87 -5.38
CA HIS B 35 1.98 -18.69 -6.17
C HIS B 35 0.96 -17.83 -5.44
N ILE B 36 1.28 -16.54 -5.31
CA ILE B 36 0.37 -15.55 -4.76
C ILE B 36 0.14 -14.47 -5.80
N PRO B 37 -1.09 -14.02 -6.01
CA PRO B 37 -1.32 -12.84 -6.88
C PRO B 37 -0.58 -11.60 -6.40
N GLY B 38 -0.18 -10.77 -7.37
CA GLY B 38 0.34 -9.44 -7.11
C GLY B 38 1.77 -9.32 -6.66
N GLN B 39 2.68 -10.18 -7.12
CA GLN B 39 4.08 -10.00 -6.82
C GLN B 39 4.61 -8.69 -7.41
N VAL B 40 5.27 -7.90 -6.58
CA VAL B 40 5.99 -6.70 -7.00
C VAL B 40 7.49 -6.93 -6.85
N ARG B 41 8.24 -6.52 -7.86
CA ARG B 41 9.68 -6.73 -7.90
C ARG B 41 10.47 -5.44 -8.04
N ASN B 42 9.88 -4.38 -8.58
CA ASN B 42 10.49 -3.07 -8.64
C ASN B 42 9.45 -2.04 -8.19
N MET B 43 9.86 -1.13 -7.31
CA MET B 43 8.96 -0.07 -6.83
C MET B 43 8.53 0.91 -7.91
N LEU B 44 9.23 0.98 -9.03
CA LEU B 44 8.73 1.74 -10.18
C LEU B 44 7.42 1.19 -10.74
N GLU B 45 7.09 -0.08 -10.48
CA GLU B 45 5.77 -0.58 -10.85
C GLU B 45 4.67 0.08 -10.02
N VAL B 46 4.95 0.41 -8.76
CA VAL B 46 3.94 1.04 -7.92
C VAL B 46 3.67 2.48 -8.34
N VAL B 47 4.72 3.28 -8.55
CA VAL B 47 4.53 4.69 -8.89
C VAL B 47 3.88 4.91 -10.25
N GLN B 48 3.88 3.90 -11.12
CA GLN B 48 3.16 4.00 -12.38
C GLN B 48 1.64 3.88 -12.23
N VAL B 49 1.16 3.47 -11.07
CA VAL B 49 -0.29 3.45 -10.82
C VAL B 49 -0.75 4.85 -10.43
N GLU B 50 -1.79 5.35 -11.08
CA GLU B 50 -2.36 6.65 -10.76
C GLU B 50 -3.14 6.66 -9.44
N SER B 51 -3.03 7.77 -8.72
CA SER B 51 -3.64 7.97 -7.41
C SER B 51 -4.05 9.43 -7.26
N MET B 52 -5.03 9.67 -6.39
CA MET B 52 -5.70 10.97 -6.31
C MET B 52 -4.81 12.06 -5.72
N MET B 53 -4.73 13.19 -6.40
CA MET B 53 -4.11 14.39 -5.85
C MET B 53 -5.03 15.09 -4.85
N GLU B 54 -4.46 15.58 -3.76
CA GLU B 54 -5.20 16.39 -2.79
C GLU B 54 -5.18 17.86 -3.19
N ILE B 55 -5.77 18.16 -4.35
CA ILE B 55 -5.68 19.50 -4.94
C ILE B 55 -6.36 20.55 -4.07
N ASN B 56 -7.49 20.20 -3.46
CA ASN B 56 -8.25 21.08 -2.58
C ASN B 56 -7.76 21.03 -1.13
N ASN B 57 -6.45 21.19 -0.96
CA ASN B 57 -5.83 21.27 0.35
C ASN B 57 -6.02 22.65 0.99
N THR B 58 -7.28 22.95 1.27
CA THR B 58 -7.67 24.23 1.82
C THR B 58 -8.41 23.99 3.14
N GLU B 59 -8.34 24.98 4.02
CA GLU B 59 -9.22 25.00 5.18
C GLU B 59 -10.67 25.01 4.74
N SER B 60 -11.50 24.34 5.53
CA SER B 60 -12.91 24.07 5.25
C SER B 60 -13.16 23.03 4.16
N ALA B 61 -12.13 22.48 3.54
CA ALA B 61 -12.23 21.15 2.94
C ALA B 61 -11.84 20.13 4.00
N VAL B 62 -12.77 19.23 4.33
CA VAL B 62 -12.58 18.28 5.42
C VAL B 62 -12.63 16.86 4.85
N GLY B 63 -11.62 16.06 5.18
CA GLY B 63 -11.54 14.67 4.74
C GLY B 63 -11.61 14.50 3.24
N MET B 64 -12.53 13.64 2.80
CA MET B 64 -12.70 13.32 1.38
C MET B 64 -12.88 14.56 0.51
N GLU B 65 -13.41 15.65 1.07
CA GLU B 65 -13.60 16.88 0.32
C GLU B 65 -12.31 17.45 -0.26
N ARG B 66 -11.17 17.11 0.32
CA ARG B 66 -9.88 17.57 -0.17
C ARG B 66 -9.43 16.86 -1.45
N LEU B 67 -10.08 15.77 -1.84
CA LEU B 67 -9.73 15.02 -3.04
C LEU B 67 -10.51 15.41 -4.29
N LYS B 68 -11.41 16.38 -4.22
CA LYS B 68 -12.17 16.86 -5.37
C LYS B 68 -12.12 18.37 -5.48
N VAL B 69 -12.17 18.86 -6.71
CA VAL B 69 -12.27 20.29 -7.05
C VAL B 69 -13.64 20.55 -7.69
N ASP B 70 -14.40 21.46 -7.10
CA ASP B 70 -15.72 21.84 -7.62
C ASP B 70 -15.65 22.92 -8.69
N ILE B 71 -16.33 22.69 -9.81
CA ILE B 71 -16.38 23.61 -10.93
C ILE B 71 -17.79 24.18 -11.05
N SER B 72 -17.89 25.50 -11.20
CA SER B 72 -19.17 26.17 -11.42
C SER B 72 -19.15 26.94 -12.72
N ALA B 73 -20.35 27.15 -13.27
CA ALA B 73 -20.54 28.05 -14.40
C ALA B 73 -20.11 29.47 -14.04
N LEU B 74 -19.44 30.11 -14.98
CA LEU B 74 -18.93 31.46 -14.81
C LEU B 74 -19.59 32.38 -15.82
N THR B 75 -19.67 33.67 -15.48
CA THR B 75 -20.17 34.70 -16.36
C THR B 75 -19.07 35.56 -16.99
N ASP B 76 -17.81 35.31 -16.66
CA ASP B 76 -16.67 35.95 -17.32
C ASP B 76 -15.90 34.91 -18.10
N VAL B 77 -15.43 35.29 -19.29
CA VAL B 77 -14.70 34.34 -20.13
C VAL B 77 -13.31 34.02 -19.56
N ASP B 78 -12.84 32.80 -19.85
CA ASP B 78 -11.45 32.29 -19.72
C ASP B 78 -10.85 32.39 -18.31
N GLN B 79 -11.68 32.26 -17.28
CA GLN B 79 -11.22 32.37 -15.90
C GLN B 79 -10.35 31.18 -15.46
N LEU B 80 -9.34 31.48 -14.64
CA LEU B 80 -8.61 30.47 -13.88
C LEU B 80 -9.51 29.74 -12.88
N LEU B 81 -9.38 28.41 -12.83
CA LEU B 81 -10.15 27.59 -11.90
C LEU B 81 -9.31 27.12 -10.72
N PHE B 82 -8.12 26.60 -10.96
CA PHE B 82 -7.23 26.13 -9.90
C PHE B 82 -5.84 25.99 -10.48
N ASN B 83 -4.85 25.88 -9.59
CA ASN B 83 -3.50 25.49 -9.96
C ASN B 83 -3.02 24.39 -9.02
N ILE B 84 -1.94 23.75 -9.43
CA ILE B 84 -1.33 22.65 -8.67
C ILE B 84 0.17 22.91 -8.54
N PRO B 85 0.67 23.13 -7.32
CA PRO B 85 2.12 23.12 -7.10
C PRO B 85 2.71 21.73 -7.31
N LEU B 86 3.86 21.68 -7.97
CA LEU B 86 4.50 20.44 -8.38
C LEU B 86 5.65 20.00 -7.48
N ASP B 87 5.94 20.72 -6.39
CA ASP B 87 7.05 20.38 -5.51
C ASP B 87 6.70 19.16 -4.67
N ILE B 88 7.15 17.98 -5.10
CA ILE B 88 6.88 16.74 -4.38
C ILE B 88 7.57 16.70 -3.01
N GLN B 89 8.69 17.38 -2.86
CA GLN B 89 9.38 17.43 -1.57
C GLN B 89 8.61 18.26 -0.56
N LEU B 90 7.97 19.33 -0.98
CA LEU B 90 7.20 20.12 -0.02
C LEU B 90 5.75 19.64 0.03
N ASP B 91 5.08 20.04 1.10
CA ASP B 91 3.77 19.49 1.47
C ASP B 91 2.67 20.11 0.61
N GLY B 92 2.51 19.57 -0.59
CA GLY B 92 1.49 20.00 -1.50
C GLY B 92 0.63 18.86 -2.01
N PRO B 93 -0.30 19.19 -2.92
CA PRO B 93 -1.24 18.18 -3.44
C PRO B 93 -0.63 16.85 -3.89
N LEU B 94 0.63 16.82 -4.33
CA LEU B 94 1.24 15.60 -4.82
C LEU B 94 1.78 14.68 -3.74
N ARG B 95 2.00 15.17 -2.51
CA ARG B 95 2.77 14.44 -1.51
C ARG B 95 2.16 13.09 -1.14
N ASN B 96 0.88 13.06 -0.75
CA ASN B 96 0.24 11.81 -0.34
C ASN B 96 -0.38 11.10 -1.55
N THR B 97 0.49 10.67 -2.43
CA THR B 97 0.15 9.91 -3.62
C THR B 97 1.08 8.72 -3.67
N LEU B 98 0.76 7.74 -4.51
CA LEU B 98 1.67 6.61 -4.69
C LEU B 98 3.03 7.05 -5.22
N VAL B 99 3.05 7.82 -6.31
CA VAL B 99 4.30 8.37 -6.81
C VAL B 99 4.96 9.24 -5.74
N GLY B 100 4.17 10.07 -5.06
CA GLY B 100 4.68 10.87 -3.98
C GLY B 100 5.32 10.11 -2.84
N ASN B 101 4.58 9.18 -2.21
CA ASN B 101 5.08 8.47 -1.03
C ASN B 101 6.30 7.58 -1.31
N ILE B 102 6.36 6.94 -2.48
CA ILE B 102 7.54 6.14 -2.81
C ILE B 102 8.74 7.03 -3.14
N SER B 103 8.52 8.07 -3.93
CA SER B 103 9.62 8.94 -4.33
C SER B 103 10.32 9.59 -3.15
N ARG B 104 9.59 9.88 -2.08
CA ARG B 104 10.15 10.50 -0.88
C ARG B 104 11.08 9.60 -0.05
N TYR B 105 11.16 8.30 -0.35
CA TYR B 105 12.28 7.48 0.12
C TYR B 105 13.57 7.73 -0.65
N TYR B 106 13.54 8.53 -1.69
CA TYR B 106 14.67 8.78 -2.55
C TYR B 106 14.93 10.26 -2.61
N THR B 107 16.12 10.59 -3.09
CA THR B 107 16.61 11.97 -3.14
C THR B 107 16.61 12.54 -4.55
N HIS B 108 16.82 11.72 -5.56
CA HIS B 108 16.87 12.15 -6.95
C HIS B 108 15.77 11.49 -7.76
N TRP B 109 15.27 12.22 -8.75
CA TRP B 109 14.25 11.69 -9.62
C TRP B 109 14.41 12.27 -11.02
N SER B 110 13.90 11.52 -11.99
CA SER B 110 13.91 11.90 -13.39
C SER B 110 12.71 11.25 -14.07
N GLY B 111 12.32 11.80 -15.22
CA GLY B 111 11.27 11.24 -16.05
C GLY B 111 9.92 11.95 -15.89
N SER B 112 9.01 11.58 -16.78
CA SER B 112 7.73 12.25 -17.03
C SER B 112 6.68 11.88 -16.00
N LEU B 113 5.79 12.83 -15.72
CA LEU B 113 4.59 12.61 -14.92
C LEU B 113 3.33 12.70 -15.77
N GLU B 114 2.35 11.87 -15.45
CA GLU B 114 1.01 11.89 -16.03
C GLU B 114 -0.01 12.37 -15.00
N MET B 115 -0.77 13.42 -15.34
CA MET B 115 -1.98 13.82 -14.64
C MET B 115 -3.23 13.50 -15.44
N THR B 116 -4.19 12.85 -14.79
CA THR B 116 -5.48 12.54 -15.38
C THR B 116 -6.57 13.17 -14.52
N PHE B 117 -7.54 13.80 -15.19
CA PHE B 117 -8.68 14.40 -14.52
C PHE B 117 -9.94 13.69 -15.00
N MET B 118 -10.76 13.23 -14.05
CA MET B 118 -12.06 12.64 -14.35
C MET B 118 -13.15 13.67 -14.03
N PHE B 119 -13.98 13.99 -15.03
CA PHE B 119 -15.13 14.85 -14.81
C PHE B 119 -16.30 14.04 -14.26
N CYS B 120 -16.86 14.51 -13.14
CA CYS B 120 -17.90 13.79 -12.40
C CYS B 120 -19.20 14.59 -12.28
N GLY B 121 -19.48 15.49 -13.22
CA GLY B 121 -20.80 16.07 -13.36
C GLY B 121 -21.82 15.10 -13.92
N SER B 122 -23.04 15.61 -14.12
CA SER B 122 -24.09 14.79 -14.70
C SER B 122 -23.81 14.56 -16.20
N PHE B 123 -24.54 13.59 -16.76
CA PHE B 123 -24.47 13.34 -18.21
C PHE B 123 -24.81 14.58 -19.02
N MET B 124 -25.73 15.40 -18.51
CA MET B 124 -26.17 16.62 -19.19
C MET B 124 -25.19 17.78 -19.08
N ALA B 125 -24.21 17.74 -18.18
CA ALA B 125 -23.19 18.78 -18.12
C ALA B 125 -22.23 18.73 -19.30
N ALA B 126 -21.87 19.92 -19.80
CA ALA B 126 -20.93 20.07 -20.89
C ALA B 126 -19.89 21.13 -20.55
N GLY B 127 -18.75 21.08 -21.23
CA GLY B 127 -17.74 22.12 -21.09
C GLY B 127 -16.38 21.82 -21.69
N LYS B 128 -15.56 22.85 -21.87
CA LYS B 128 -14.17 22.66 -22.28
C LYS B 128 -13.22 23.38 -21.33
N LEU B 129 -12.15 22.70 -20.96
CA LEU B 129 -11.11 23.18 -20.07
C LEU B 129 -9.79 23.20 -20.83
N ILE B 130 -8.87 24.05 -20.40
CA ILE B 130 -7.49 23.97 -20.85
C ILE B 130 -6.58 23.72 -19.64
N LEU B 131 -5.80 22.65 -19.72
CA LEU B 131 -4.83 22.25 -18.70
C LEU B 131 -3.42 22.56 -19.19
N CYS B 132 -2.68 23.37 -18.45
CA CYS B 132 -1.39 23.89 -18.90
C CYS B 132 -0.27 23.49 -17.95
N TYR B 133 0.83 22.98 -18.51
CA TYR B 133 2.09 22.85 -17.80
C TYR B 133 3.05 23.96 -18.19
N THR B 134 3.62 24.63 -17.19
CA THR B 134 4.59 25.69 -17.42
C THR B 134 5.98 25.24 -16.95
N PRO B 135 6.94 25.06 -17.86
CA PRO B 135 8.32 24.86 -17.41
C PRO B 135 8.79 26.01 -16.53
N PRO B 136 9.70 25.74 -15.60
CA PRO B 136 10.07 26.75 -14.60
C PRO B 136 10.83 27.94 -15.19
N GLY B 137 10.98 28.96 -14.33
CA GLY B 137 11.81 30.12 -14.60
C GLY B 137 11.17 31.43 -14.17
N GLY B 138 9.85 31.52 -14.24
CA GLY B 138 9.10 32.67 -13.77
C GLY B 138 7.95 32.31 -12.86
N SER B 139 7.04 33.26 -12.64
CA SER B 139 5.87 33.05 -11.79
C SER B 139 4.84 32.13 -12.46
N CYS B 140 3.99 31.54 -11.63
CA CYS B 140 2.85 30.78 -12.11
C CYS B 140 1.88 31.66 -12.89
N PRO B 141 1.47 31.27 -14.09
CA PRO B 141 0.58 32.12 -14.89
C PRO B 141 -0.82 32.27 -14.30
N THR B 142 -1.34 33.49 -14.34
CA THR B 142 -2.65 33.80 -13.80
C THR B 142 -3.70 34.08 -14.86
N THR B 143 -3.33 34.17 -16.13
CA THR B 143 -4.27 34.42 -17.21
C THR B 143 -4.09 33.36 -18.28
N ARG B 144 -5.20 32.98 -18.91
CA ARG B 144 -5.17 31.94 -19.93
C ARG B 144 -4.27 32.28 -21.10
N GLU B 145 -4.26 33.54 -21.55
CA GLU B 145 -3.39 33.93 -22.65
C GLU B 145 -1.91 33.73 -22.33
N THR B 146 -1.52 33.79 -21.07
CA THR B 146 -0.15 33.45 -20.66
C THR B 146 0.07 31.95 -20.52
N ALA B 147 -0.88 31.24 -19.89
CA ALA B 147 -0.72 29.80 -19.65
C ALA B 147 -0.70 28.98 -20.93
N MET B 148 -1.54 29.33 -21.92
CA MET B 148 -1.59 28.59 -23.18
C MET B 148 -0.30 28.63 -23.98
N LEU B 149 0.70 29.44 -23.59
CA LEU B 149 2.02 29.39 -24.21
C LEU B 149 2.86 28.18 -23.78
N GLY B 150 2.57 27.56 -22.64
CA GLY B 150 3.17 26.30 -22.26
C GLY B 150 2.54 25.08 -22.91
N THR B 151 3.02 23.91 -22.48
CA THR B 151 2.41 22.64 -22.82
C THR B 151 0.99 22.55 -22.28
N HIS B 152 0.02 22.26 -23.15
CA HIS B 152 -1.36 22.25 -22.69
C HIS B 152 -2.18 21.22 -23.47
N ILE B 153 -3.24 20.75 -22.82
CA ILE B 153 -4.31 19.97 -23.43
C ILE B 153 -5.63 20.73 -23.26
N VAL B 154 -6.33 21.00 -24.35
CA VAL B 154 -7.71 21.44 -24.33
C VAL B 154 -8.64 20.24 -24.21
N TRP B 155 -9.51 20.24 -23.20
CA TRP B 155 -10.31 19.08 -22.83
C TRP B 155 -11.80 19.34 -23.08
N ASP B 156 -12.38 18.58 -23.99
CA ASP B 156 -13.83 18.58 -24.20
C ASP B 156 -14.49 17.47 -23.38
N PHE B 157 -15.46 17.82 -22.54
CA PHE B 157 -16.24 16.80 -21.82
C PHE B 157 -17.11 16.00 -22.77
N GLY B 158 -17.17 14.70 -22.53
CA GLY B 158 -17.92 13.82 -23.39
C GLY B 158 -18.03 12.44 -22.79
N LEU B 159 -18.25 11.47 -23.68
CA LEU B 159 -18.41 10.09 -23.27
C LEU B 159 -17.17 9.57 -22.54
N GLN B 160 -15.98 9.82 -23.09
CA GLN B 160 -14.74 9.54 -22.38
C GLN B 160 -14.55 10.54 -21.25
N SER B 161 -14.52 10.04 -20.03
CA SER B 161 -14.60 10.88 -18.83
C SER B 161 -13.31 11.64 -18.54
N SER B 162 -12.18 11.27 -19.13
CA SER B 162 -10.89 11.68 -18.59
C SER B 162 -9.97 12.15 -19.71
N VAL B 163 -9.15 13.15 -19.39
CA VAL B 163 -7.96 13.49 -20.17
C VAL B 163 -6.72 13.31 -19.33
N THR B 164 -5.63 13.01 -20.01
CA THR B 164 -4.28 13.13 -19.47
C THR B 164 -3.59 14.38 -20.00
N LEU B 165 -3.02 15.17 -19.09
CA LEU B 165 -1.90 16.07 -19.37
C LEU B 165 -0.61 15.30 -19.05
N ILE B 166 0.20 15.02 -20.07
CA ILE B 166 1.58 14.61 -19.82
C ILE B 166 2.39 15.81 -19.36
N ILE B 167 3.08 15.67 -18.24
CA ILE B 167 4.14 16.58 -17.84
C ILE B 167 5.47 16.01 -18.31
N PRO B 168 6.00 16.44 -19.44
CA PRO B 168 7.23 15.85 -19.96
C PRO B 168 8.43 16.22 -19.11
N TRP B 169 9.40 15.31 -19.07
CA TRP B 169 10.67 15.58 -18.39
C TRP B 169 11.44 16.62 -19.20
N ILE B 170 11.36 17.87 -18.78
CA ILE B 170 12.10 18.96 -19.40
C ILE B 170 13.05 19.48 -18.32
N SER B 171 14.32 19.09 -18.42
CA SER B 171 15.27 19.40 -17.36
C SER B 171 16.65 19.57 -17.98
N GLY B 172 17.40 20.53 -17.44
CA GLY B 172 18.77 20.69 -17.88
C GLY B 172 19.66 19.54 -17.44
N SER B 173 19.51 19.11 -16.20
CA SER B 173 20.23 17.98 -15.64
C SER B 173 19.47 16.67 -15.81
N HIS B 174 20.23 15.57 -15.70
CA HIS B 174 19.67 14.23 -15.73
C HIS B 174 18.65 14.00 -14.62
N TYR B 175 18.82 14.65 -13.47
CA TYR B 175 17.95 14.46 -12.31
C TYR B 175 17.57 15.79 -11.70
N ARG B 176 16.47 15.76 -10.96
CA ARG B 176 16.11 16.79 -9.99
C ARG B 176 16.23 16.25 -8.59
N MET B 177 16.46 17.14 -7.62
CA MET B 177 16.52 16.79 -6.21
C MET B 177 15.20 17.10 -5.52
N PHE B 178 14.81 16.25 -4.57
CA PHE B 178 13.76 16.56 -3.59
C PHE B 178 14.31 17.51 -2.54
N ASN B 179 14.35 18.78 -2.91
CA ASN B 179 15.02 19.82 -2.16
C ASN B 179 13.99 20.64 -1.38
N ASN B 180 14.22 20.81 -0.07
CA ASN B 180 13.38 21.71 0.72
C ASN B 180 13.48 23.16 0.26
N ASP B 181 14.56 23.53 -0.42
CA ASP B 181 14.59 24.77 -1.20
C ASP B 181 13.80 24.54 -2.49
N ALA B 182 12.53 24.93 -2.49
CA ALA B 182 11.69 24.73 -3.67
C ALA B 182 12.05 25.64 -4.83
N LYS B 183 12.72 26.75 -4.59
CA LYS B 183 13.10 27.66 -5.65
C LYS B 183 14.46 27.34 -6.27
N SER B 184 15.15 26.34 -5.75
CA SER B 184 16.41 25.87 -6.34
C SER B 184 16.21 25.43 -7.79
N THR B 185 17.14 25.86 -8.65
CA THR B 185 17.18 25.44 -10.04
C THR B 185 17.46 23.95 -10.23
N ASN B 186 17.84 23.23 -9.19
CA ASN B 186 17.94 21.78 -9.26
C ASN B 186 16.66 21.04 -8.86
N ALA B 187 15.59 21.75 -8.52
CA ALA B 187 14.41 21.11 -7.92
C ALA B 187 13.09 21.58 -8.50
N ASN B 188 12.95 22.84 -8.89
CA ASN B 188 11.67 23.39 -9.33
C ASN B 188 11.25 22.79 -10.67
N VAL B 189 9.99 22.36 -10.75
CA VAL B 189 9.44 21.75 -11.96
C VAL B 189 8.59 22.72 -12.78
N GLY B 190 8.18 23.85 -12.22
CA GLY B 190 7.13 24.69 -12.75
C GLY B 190 5.73 24.41 -12.24
N TYR B 191 4.70 24.66 -13.05
CA TYR B 191 3.32 24.74 -12.56
C TYR B 191 2.34 24.06 -13.48
N VAL B 192 1.23 23.61 -12.91
CA VAL B 192 0.03 23.22 -13.64
C VAL B 192 -1.10 24.20 -13.29
N THR B 193 -1.82 24.67 -14.30
CA THR B 193 -2.97 25.56 -14.13
C THR B 193 -4.14 25.05 -14.98
N CYS B 194 -5.36 25.31 -14.51
CA CYS B 194 -6.56 24.99 -15.26
C CYS B 194 -7.40 26.23 -15.47
N PHE B 195 -7.80 26.49 -16.70
CA PHE B 195 -8.69 27.59 -17.04
C PHE B 195 -9.91 27.05 -17.74
N MET B 196 -11.00 27.80 -17.68
CA MET B 196 -12.11 27.60 -18.58
C MET B 196 -11.69 27.86 -20.02
N GLN B 197 -11.86 26.86 -20.89
CA GLN B 197 -11.74 27.11 -22.31
C GLN B 197 -13.06 27.66 -22.88
N THR B 198 -14.19 27.03 -22.58
CA THR B 198 -15.50 27.61 -22.86
C THR B 198 -16.19 27.92 -21.54
N ASN B 199 -17.18 27.13 -21.12
CA ASN B 199 -17.82 27.28 -19.82
C ASN B 199 -18.41 25.94 -19.41
N LEU B 200 -18.63 25.75 -18.12
CA LEU B 200 -19.50 24.68 -17.64
C LEU B 200 -20.95 25.07 -17.90
N ILE B 201 -21.63 24.32 -18.76
CA ILE B 201 -23.01 24.63 -19.14
C ILE B 201 -23.89 23.45 -18.75
N VAL B 202 -24.88 23.72 -17.91
CA VAL B 202 -25.75 22.65 -17.40
C VAL B 202 -27.21 23.07 -17.51
N PRO B 203 -28.12 22.12 -17.71
CA PRO B 203 -29.55 22.42 -17.62
C PRO B 203 -30.03 22.57 -16.19
N SER B 204 -31.26 23.09 -16.06
CA SER B 204 -31.84 23.46 -14.76
C SER B 204 -31.91 22.30 -13.77
N GLU B 205 -32.14 21.08 -14.23
CA GLU B 205 -32.29 19.95 -13.33
C GLU B 205 -31.01 19.17 -13.12
N SER B 206 -29.92 19.52 -13.78
CA SER B 206 -28.61 19.10 -13.31
C SER B 206 -28.16 19.99 -12.18
N SER B 207 -27.36 19.41 -11.28
CA SER B 207 -26.65 20.20 -10.28
C SER B 207 -25.81 21.29 -10.95
N ASP B 208 -25.89 22.51 -10.41
CA ASP B 208 -25.15 23.65 -10.94
C ASP B 208 -23.65 23.60 -10.69
N THR B 209 -23.16 22.72 -9.82
CA THR B 209 -21.75 22.62 -9.49
C THR B 209 -21.30 21.17 -9.70
N CYS B 210 -20.11 21.00 -10.29
CA CYS B 210 -19.59 19.70 -10.68
C CYS B 210 -18.16 19.56 -10.18
N SER B 211 -17.69 18.32 -10.02
CA SER B 211 -16.36 18.08 -9.46
C SER B 211 -15.41 17.42 -10.45
N LEU B 212 -14.15 17.81 -10.38
CA LEU B 212 -13.02 17.07 -10.94
C LEU B 212 -12.29 16.28 -9.85
N ILE B 213 -11.95 15.04 -10.15
CA ILE B 213 -10.90 14.30 -9.44
C ILE B 213 -9.63 14.31 -10.28
N GLY B 214 -8.52 14.74 -9.68
CA GLY B 214 -7.21 14.66 -10.30
C GLY B 214 -6.37 13.50 -9.79
N PHE B 215 -5.66 12.85 -10.71
CA PHE B 215 -4.76 11.75 -10.44
C PHE B 215 -3.38 12.07 -10.97
N ILE B 216 -2.36 11.45 -10.40
CA ILE B 216 -1.01 11.52 -10.95
C ILE B 216 -0.38 10.12 -10.96
N ALA B 217 0.47 9.86 -11.94
CA ALA B 217 1.38 8.72 -11.90
C ALA B 217 2.69 9.08 -12.57
N ALA B 218 3.73 8.31 -12.26
CA ALA B 218 4.93 8.27 -13.07
C ALA B 218 4.71 7.46 -14.35
N LYS B 219 5.39 7.87 -15.42
CA LYS B 219 5.49 7.07 -16.63
C LYS B 219 6.63 6.05 -16.50
N ASP B 220 6.77 5.18 -17.49
CA ASP B 220 7.83 4.17 -17.45
C ASP B 220 9.23 4.68 -17.78
N ASP B 221 9.39 5.94 -18.16
CA ASP B 221 10.69 6.60 -18.20
C ASP B 221 11.16 7.14 -16.84
N PHE B 222 10.36 7.01 -15.79
CA PHE B 222 10.65 7.53 -14.46
C PHE B 222 11.70 6.68 -13.72
N SER B 223 12.57 7.34 -12.98
CA SER B 223 13.71 6.73 -12.31
C SER B 223 13.94 7.44 -10.99
N LEU B 224 14.33 6.68 -9.95
CA LEU B 224 14.63 7.22 -8.63
C LEU B 224 16.02 6.80 -8.16
N ARG B 225 16.64 7.67 -7.36
CA ARG B 225 18.01 7.47 -6.94
C ARG B 225 18.21 7.97 -5.50
N LEU B 226 19.25 7.42 -4.86
CA LEU B 226 19.77 7.79 -3.54
C LEU B 226 18.73 7.68 -2.43
N MET B 227 18.59 6.46 -1.93
CA MET B 227 17.67 6.12 -0.84
C MET B 227 17.95 6.88 0.46
N ARG B 228 16.87 7.31 1.10
CA ARG B 228 16.89 8.08 2.33
C ARG B 228 15.71 7.64 3.19
N ASP B 229 15.80 7.95 4.47
CA ASP B 229 14.63 7.84 5.33
C ASP B 229 13.56 8.84 4.94
N SER B 230 12.35 8.36 4.80
CA SER B 230 11.24 9.20 4.39
C SER B 230 10.83 10.13 5.53
N PRO B 231 10.63 11.42 5.26
CA PRO B 231 10.17 12.35 6.30
C PRO B 231 8.69 12.26 6.66
N ASP B 232 7.93 11.34 6.04
CA ASP B 232 6.51 11.15 6.27
C ASP B 232 6.15 10.42 7.58
N ILE B 233 7.10 9.86 8.31
CA ILE B 233 6.78 9.11 9.53
C ILE B 233 7.86 9.37 10.57
N GLY B 234 7.45 9.38 11.83
CA GLY B 234 8.36 9.56 12.94
C GLY B 234 7.71 9.06 14.22
N GLN B 235 8.51 9.02 15.28
CA GLN B 235 7.95 8.77 16.60
C GLN B 235 8.73 9.54 17.64
N LEU B 236 8.04 9.91 18.71
CA LEU B 236 8.64 10.59 19.85
C LEU B 236 8.78 9.69 21.06
N ASP B 237 7.69 9.11 21.51
CA ASP B 237 7.66 8.06 22.52
C ASP B 237 7.83 6.68 21.90
N HIS B 238 7.96 5.67 22.76
CA HIS B 238 7.60 4.32 22.38
C HIS B 238 6.12 4.23 22.03
N LEU B 239 5.78 3.29 21.17
CA LEU B 239 4.39 2.99 20.98
C LEU B 239 3.82 2.26 22.19
N HIS B 240 2.51 2.36 22.34
CA HIS B 240 1.76 1.51 23.26
C HIS B 240 2.00 0.02 23.02
N ALA B 241 2.11 -0.71 24.12
CA ALA B 241 2.42 -2.14 24.25
C ALA B 241 3.82 -2.54 23.79
N ALA B 242 4.65 -1.60 23.34
CA ALA B 242 6.04 -1.92 23.00
C ALA B 242 6.86 -2.33 24.21
N GLU B 243 6.74 -1.59 25.33
CA GLU B 243 7.36 -1.99 26.59
C GLU B 243 6.90 -3.38 27.04
N ALA B 244 5.62 -3.70 26.84
CA ALA B 244 5.08 -4.99 27.23
C ALA B 244 5.67 -6.16 26.47
N ALA B 245 6.28 -5.94 25.32
CA ALA B 245 7.01 -7.01 24.65
C ALA B 245 8.22 -7.49 25.47
N TYR B 246 8.67 -6.71 26.42
CA TYR B 246 9.72 -7.12 27.34
C TYR B 246 9.21 -7.65 28.68
N GLN B 247 7.90 -7.78 28.85
CA GLN B 247 7.35 -8.23 30.11
C GLN B 247 6.62 -9.55 29.94
N SER C 10 -19.12 -1.61 -27.07
CA SER C 10 -19.16 -3.05 -26.95
C SER C 10 -18.64 -3.46 -25.58
N ASP C 11 -17.62 -2.77 -25.10
CA ASP C 11 -17.15 -2.96 -23.74
C ASP C 11 -18.12 -2.39 -22.70
N ARG C 12 -19.25 -1.85 -23.12
CA ARG C 12 -20.27 -1.35 -22.20
C ARG C 12 -21.36 -2.35 -21.83
N VAL C 13 -21.59 -3.40 -22.63
CA VAL C 13 -22.58 -4.42 -22.33
C VAL C 13 -21.88 -5.70 -21.88
N LEU C 14 -22.38 -6.29 -20.80
CA LEU C 14 -21.79 -7.48 -20.20
C LEU C 14 -22.88 -8.39 -19.66
N GLN C 15 -22.75 -9.69 -19.90
CA GLN C 15 -23.51 -10.74 -19.21
C GLN C 15 -22.57 -11.67 -18.45
N LEU C 16 -22.86 -11.85 -17.16
CA LEU C 16 -22.18 -12.79 -16.28
C LEU C 16 -23.15 -13.92 -15.96
N LYS C 17 -22.78 -15.15 -16.29
CA LYS C 17 -23.61 -16.33 -16.02
C LYS C 17 -22.84 -17.36 -15.19
N LEU C 18 -23.37 -17.70 -14.03
CA LEU C 18 -22.74 -18.66 -13.11
C LEU C 18 -23.83 -19.48 -12.44
N GLY C 19 -23.82 -20.78 -12.69
CA GLY C 19 -24.88 -21.67 -12.22
C GLY C 19 -26.25 -21.31 -12.76
N ASN C 20 -27.23 -21.23 -11.87
CA ASN C 20 -28.60 -20.85 -12.22
C ASN C 20 -28.85 -19.34 -12.24
N SER C 21 -27.82 -18.52 -12.09
CA SER C 21 -27.92 -17.07 -11.98
C SER C 21 -27.29 -16.39 -13.18
N ALA C 22 -27.92 -15.32 -13.66
CA ALA C 22 -27.32 -14.46 -14.67
C ALA C 22 -27.52 -12.99 -14.35
N ILE C 23 -26.52 -12.18 -14.67
CA ILE C 23 -26.59 -10.73 -14.61
C ILE C 23 -26.29 -10.16 -15.98
N VAL C 24 -27.15 -9.26 -16.46
CA VAL C 24 -26.84 -8.41 -17.61
C VAL C 24 -26.68 -6.97 -17.16
N THR C 25 -25.72 -6.27 -17.76
CA THR C 25 -25.58 -4.83 -17.65
C THR C 25 -25.38 -4.24 -19.04
N GLN C 26 -25.97 -3.08 -19.27
CA GLN C 26 -25.86 -2.36 -20.52
C GLN C 26 -24.94 -1.15 -20.41
N GLU C 27 -24.37 -0.91 -19.24
CA GLU C 27 -23.60 0.30 -18.95
C GLU C 27 -22.45 -0.05 -18.00
N ALA C 28 -21.65 -1.05 -18.37
CA ALA C 28 -20.40 -1.38 -17.72
C ALA C 28 -19.25 -0.47 -18.20
N ALA C 29 -18.12 -0.58 -17.51
CA ALA C 29 -16.86 0.03 -17.92
C ALA C 29 -15.75 -1.02 -17.90
N ASN C 30 -15.75 -1.92 -18.89
CA ASN C 30 -14.89 -3.10 -18.92
C ASN C 30 -15.15 -3.94 -17.67
N TYR C 31 -14.22 -4.79 -17.24
CA TYR C 31 -14.20 -5.24 -15.85
C TYR C 31 -12.77 -5.53 -15.40
N CYS C 32 -12.57 -5.49 -14.09
CA CYS C 32 -11.27 -5.76 -13.48
C CYS C 32 -11.07 -7.25 -13.17
N CYS C 33 -9.95 -7.80 -13.62
CA CYS C 33 -9.39 -9.04 -13.08
C CYS C 33 -8.23 -8.72 -12.16
N ALA C 34 -8.43 -8.88 -10.84
CA ALA C 34 -7.44 -8.48 -9.85
C ALA C 34 -6.06 -9.10 -10.09
N TYR C 35 -5.05 -8.24 -10.19
CA TYR C 35 -3.66 -8.62 -10.48
C TYR C 35 -3.51 -9.42 -11.76
N GLY C 36 -4.45 -9.27 -12.70
CA GLY C 36 -4.53 -10.09 -13.88
C GLY C 36 -4.81 -11.57 -13.68
N GLU C 37 -5.26 -11.95 -12.49
CA GLU C 37 -5.49 -13.36 -12.19
C GLU C 37 -6.93 -13.77 -12.52
N TRP C 38 -7.12 -15.07 -12.62
CA TRP C 38 -8.44 -15.69 -12.67
C TRP C 38 -8.50 -16.76 -11.57
N PRO C 39 -9.65 -16.92 -10.91
CA PRO C 39 -9.82 -18.05 -9.98
C PRO C 39 -9.53 -19.42 -10.58
N ASN C 40 -8.84 -20.26 -9.82
CA ASN C 40 -8.60 -21.66 -10.15
C ASN C 40 -8.77 -22.52 -8.89
N TYR C 41 -9.07 -23.80 -9.09
CA TYR C 41 -8.95 -24.76 -8.00
C TYR C 41 -7.48 -24.99 -7.61
N LEU C 42 -7.31 -25.42 -6.38
CA LEU C 42 -6.01 -25.73 -5.81
C LEU C 42 -5.35 -26.93 -6.51
N PRO C 43 -4.21 -26.75 -7.16
CA PRO C 43 -3.48 -27.89 -7.76
C PRO C 43 -2.80 -28.80 -6.73
N ASP C 44 -2.46 -30.01 -7.18
CA ASP C 44 -1.86 -31.02 -6.31
C ASP C 44 -0.48 -30.58 -5.78
N HIS C 45 0.29 -29.84 -6.58
CA HIS C 45 1.58 -29.38 -6.10
C HIS C 45 1.49 -28.25 -5.09
N GLU C 46 0.30 -27.73 -4.80
CA GLU C 46 0.13 -26.74 -3.75
C GLU C 46 -0.75 -27.20 -2.60
N ALA C 47 -1.23 -28.43 -2.60
CA ALA C 47 -2.15 -28.91 -1.58
C ALA C 47 -1.44 -29.26 -0.27
N VAL C 48 -2.19 -29.11 0.82
CA VAL C 48 -1.72 -29.42 2.17
C VAL C 48 -2.59 -30.54 2.75
N ALA C 49 -3.89 -30.27 2.90
CA ALA C 49 -4.84 -31.22 3.46
C ALA C 49 -5.08 -32.39 2.51
N ILE C 50 -4.97 -33.60 3.03
CA ILE C 50 -4.98 -34.80 2.17
C ILE C 50 -6.34 -35.45 1.94
N ASP C 51 -7.37 -35.11 2.70
CA ASP C 51 -8.70 -35.63 2.39
C ASP C 51 -9.20 -35.10 1.05
N LYS C 52 -10.00 -35.91 0.36
CA LYS C 52 -10.57 -35.52 -0.92
C LYS C 52 -11.55 -34.36 -0.73
N PRO C 53 -11.34 -33.22 -1.38
CA PRO C 53 -12.23 -32.08 -1.19
C PRO C 53 -13.58 -32.24 -1.87
N THR C 54 -14.61 -31.67 -1.23
CA THR C 54 -15.87 -31.46 -1.91
C THR C 54 -15.82 -30.19 -2.78
N GLN C 55 -16.33 -30.30 -4.00
CA GLN C 55 -16.39 -29.21 -4.96
C GLN C 55 -17.82 -29.06 -5.45
N PRO C 56 -18.65 -28.26 -4.77
CA PRO C 56 -20.09 -28.27 -5.04
C PRO C 56 -20.50 -27.65 -6.37
N GLU C 57 -19.60 -26.91 -7.04
CA GLU C 57 -19.84 -26.24 -8.31
C GLU C 57 -21.07 -25.33 -8.27
N THR C 58 -22.07 -25.55 -9.15
CA THR C 58 -23.19 -24.62 -9.30
C THR C 58 -24.01 -24.39 -8.04
N ALA C 59 -23.98 -25.30 -7.07
CA ALA C 59 -24.68 -25.05 -5.80
C ALA C 59 -24.07 -23.88 -5.03
N THR C 60 -22.75 -23.70 -5.11
CA THR C 60 -22.06 -22.60 -4.45
C THR C 60 -21.65 -21.48 -5.39
N ASP C 61 -21.32 -21.82 -6.64
CA ASP C 61 -20.66 -20.89 -7.57
C ASP C 61 -21.72 -20.16 -8.37
N ARG C 62 -22.35 -19.21 -7.69
CA ARG C 62 -23.51 -18.49 -8.18
C ARG C 62 -23.57 -17.16 -7.47
N PHE C 63 -24.24 -16.20 -8.09
CA PHE C 63 -24.43 -14.90 -7.47
C PHE C 63 -25.38 -14.96 -6.29
N TYR C 64 -24.94 -14.40 -5.16
CA TYR C 64 -25.78 -14.05 -4.03
C TYR C 64 -25.90 -12.54 -3.94
N THR C 65 -27.11 -12.04 -3.85
CA THR C 65 -27.38 -10.61 -3.79
C THR C 65 -27.65 -10.21 -2.35
N LEU C 66 -26.85 -9.28 -1.83
CA LEU C 66 -26.98 -8.78 -0.48
C LEU C 66 -28.09 -7.74 -0.39
N LYS C 67 -28.46 -7.37 0.83
CA LYS C 67 -29.34 -6.23 1.06
C LYS C 67 -28.73 -4.94 0.50
N SER C 68 -29.51 -4.21 -0.30
CA SER C 68 -29.12 -2.90 -0.82
C SER C 68 -29.07 -1.82 0.26
N VAL C 69 -28.13 -0.89 0.09
CA VAL C 69 -27.93 0.27 0.95
C VAL C 69 -28.34 1.53 0.20
N LYS C 70 -28.81 2.52 0.94
CA LYS C 70 -29.20 3.81 0.37
C LYS C 70 -28.00 4.76 0.31
N TRP C 71 -27.69 5.25 -0.88
CA TRP C 71 -26.73 6.32 -1.08
C TRP C 71 -27.42 7.65 -0.73
N GLU C 72 -26.97 8.29 0.34
CA GLU C 72 -27.44 9.59 0.78
C GLU C 72 -26.31 10.61 0.73
N THR C 73 -26.69 11.90 0.79
CA THR C 73 -25.71 12.98 0.71
C THR C 73 -24.66 12.91 1.81
N GLY C 74 -25.00 12.38 2.98
CA GLY C 74 -24.06 12.21 4.06
C GLY C 74 -23.33 10.89 4.12
N SER C 75 -23.51 10.00 3.16
CA SER C 75 -22.94 8.66 3.21
C SER C 75 -21.41 8.68 3.22
N THR C 76 -20.81 7.96 4.17
CA THR C 76 -19.36 7.83 4.23
C THR C 76 -18.81 6.65 3.45
N GLY C 77 -19.65 5.72 3.01
CA GLY C 77 -19.22 4.49 2.39
C GLY C 77 -19.54 3.26 3.21
N TRP C 78 -19.35 2.12 2.57
CA TRP C 78 -19.81 0.82 3.05
C TRP C 78 -18.72 -0.23 2.83
N TRP C 79 -18.77 -1.29 3.62
CA TRP C 79 -17.86 -2.41 3.40
C TRP C 79 -18.52 -3.74 3.76
N TRP C 80 -18.07 -4.79 3.08
CA TRP C 80 -18.47 -6.17 3.33
C TRP C 80 -17.22 -7.05 3.26
N LYS C 81 -17.10 -7.97 4.20
CA LYS C 81 -15.94 -8.83 4.26
C LYS C 81 -16.24 -10.20 3.70
N LEU C 82 -15.28 -10.76 2.97
CA LEU C 82 -15.41 -12.07 2.36
C LEU C 82 -14.38 -13.01 2.96
N PRO C 83 -14.78 -14.21 3.40
CA PRO C 83 -16.10 -14.85 3.20
C PRO C 83 -17.23 -14.47 4.19
N ASP C 84 -16.97 -13.67 5.22
CA ASP C 84 -17.91 -13.44 6.31
C ASP C 84 -19.32 -13.06 5.85
N ALA C 85 -19.42 -12.11 4.91
CA ALA C 85 -20.74 -11.67 4.42
C ALA C 85 -21.57 -12.79 3.81
N LEU C 86 -20.93 -13.84 3.28
CA LEU C 86 -21.62 -14.98 2.69
C LEU C 86 -21.69 -16.22 3.58
N ASN C 87 -21.05 -16.22 4.75
CA ASN C 87 -20.92 -17.43 5.55
C ASN C 87 -22.25 -18.03 6.01
N ASN C 88 -23.35 -17.28 5.96
CA ASN C 88 -24.66 -17.83 6.32
C ASN C 88 -25.64 -17.93 5.16
N ILE C 89 -25.19 -17.87 3.91
CA ILE C 89 -26.09 -17.77 2.76
C ILE C 89 -26.02 -19.02 1.89
N GLY C 90 -27.16 -19.67 1.68
CA GLY C 90 -27.36 -20.78 0.76
C GLY C 90 -26.51 -22.00 1.04
N MET C 91 -26.19 -22.74 -0.03
CA MET C 91 -25.32 -23.90 0.11
C MET C 91 -23.87 -23.52 0.33
N PHE C 92 -23.46 -22.30 -0.03
CA PHE C 92 -22.15 -21.83 0.38
C PHE C 92 -22.04 -21.80 1.90
N GLY C 93 -23.01 -21.18 2.58
CA GLY C 93 -23.00 -21.13 4.03
C GLY C 93 -23.05 -22.50 4.71
N GLN C 94 -23.86 -23.42 4.19
CA GLN C 94 -23.92 -24.76 4.74
C GLN C 94 -22.58 -25.50 4.60
N ASN C 95 -21.90 -25.37 3.47
CA ASN C 95 -20.59 -25.99 3.35
C ASN C 95 -19.54 -25.35 4.25
N VAL C 96 -19.55 -24.01 4.42
CA VAL C 96 -18.59 -23.42 5.35
C VAL C 96 -18.90 -23.85 6.78
N GLN C 97 -20.17 -24.03 7.10
CA GLN C 97 -20.53 -24.42 8.47
C GLN C 97 -20.11 -25.85 8.78
N HIS C 98 -20.20 -26.74 7.79
CA HIS C 98 -19.83 -28.13 7.99
C HIS C 98 -18.35 -28.44 7.77
N HIS C 99 -17.57 -27.55 7.15
CA HIS C 99 -16.17 -27.83 6.84
C HIS C 99 -15.21 -26.92 7.59
N TYR C 100 -14.12 -27.51 8.07
CA TYR C 100 -13.04 -26.75 8.68
C TYR C 100 -12.37 -25.80 7.67
N LEU C 101 -12.11 -26.27 6.46
CA LEU C 101 -11.34 -25.51 5.50
C LEU C 101 -12.16 -25.14 4.27
N TYR C 102 -11.88 -23.95 3.75
CA TYR C 102 -12.50 -23.37 2.57
C TYR C 102 -11.44 -22.70 1.70
N ARG C 103 -11.70 -22.68 0.39
CA ARG C 103 -10.97 -21.86 -0.58
C ARG C 103 -11.94 -21.45 -1.67
N SER C 104 -11.89 -20.18 -2.10
CA SER C 104 -12.56 -19.79 -3.34
C SER C 104 -12.05 -18.44 -3.83
N GLY C 105 -12.30 -18.16 -5.12
CA GLY C 105 -12.38 -16.80 -5.61
C GLY C 105 -13.76 -16.17 -5.46
N PHE C 106 -13.86 -14.94 -5.96
CA PHE C 106 -15.13 -14.23 -5.99
C PHE C 106 -15.26 -13.41 -7.27
N LEU C 107 -16.47 -13.34 -7.79
CA LEU C 107 -16.83 -12.36 -8.81
C LEU C 107 -17.81 -11.39 -8.17
N ILE C 108 -17.42 -10.13 -8.08
CA ILE C 108 -18.20 -9.08 -7.42
C ILE C 108 -18.79 -8.14 -8.47
N HIS C 109 -20.12 -7.98 -8.43
CA HIS C 109 -20.82 -7.04 -9.32
C HIS C 109 -21.59 -6.03 -8.49
N VAL C 110 -21.26 -4.75 -8.66
CA VAL C 110 -21.83 -3.64 -7.88
C VAL C 110 -22.71 -2.79 -8.79
N GLN C 111 -23.92 -2.48 -8.34
CA GLN C 111 -24.99 -1.92 -9.18
C GLN C 111 -25.54 -0.62 -8.61
N CYS C 112 -25.58 0.43 -9.45
CA CYS C 112 -26.13 1.71 -9.01
C CYS C 112 -26.53 2.57 -10.22
N ASN C 113 -27.82 2.60 -10.52
CA ASN C 113 -28.36 3.45 -11.56
C ASN C 113 -29.01 4.71 -10.98
N ALA C 114 -28.93 5.80 -11.75
CA ALA C 114 -29.61 7.05 -11.46
C ALA C 114 -29.93 7.72 -12.79
N THR C 115 -30.51 8.92 -12.76
CA THR C 115 -30.82 9.57 -14.01
C THR C 115 -29.60 10.28 -14.60
N LYS C 116 -29.74 10.68 -15.85
CA LYS C 116 -28.83 11.60 -16.55
C LYS C 116 -28.77 13.00 -15.96
N PHE C 117 -29.67 13.36 -15.04
CA PHE C 117 -29.54 14.60 -14.31
C PHE C 117 -28.85 14.44 -12.96
N HIS C 118 -28.54 13.21 -12.55
CA HIS C 118 -27.74 12.94 -11.37
C HIS C 118 -26.24 12.95 -11.67
N GLN C 119 -25.48 13.22 -10.62
CA GLN C 119 -24.03 13.15 -10.64
C GLN C 119 -23.54 12.42 -9.38
N GLY C 120 -22.33 11.90 -9.44
CA GLY C 120 -21.74 11.20 -8.32
C GLY C 120 -20.78 10.11 -8.76
N ALA C 121 -19.77 9.85 -7.94
CA ALA C 121 -18.77 8.82 -8.22
C ALA C 121 -18.54 7.94 -7.00
N LEU C 122 -18.58 6.62 -7.22
CA LEU C 122 -18.26 5.62 -6.22
C LEU C 122 -16.92 4.99 -6.57
N LEU C 123 -15.97 5.04 -5.64
CA LEU C 123 -14.83 4.14 -5.70
C LEU C 123 -15.24 2.74 -5.22
N VAL C 124 -15.15 1.76 -6.10
CA VAL C 124 -15.41 0.36 -5.77
C VAL C 124 -14.09 -0.39 -5.74
N VAL C 125 -13.63 -0.79 -4.56
CA VAL C 125 -12.28 -1.32 -4.40
C VAL C 125 -12.32 -2.59 -3.53
N ALA C 126 -11.60 -3.61 -3.97
CA ALA C 126 -11.38 -4.84 -3.22
C ALA C 126 -10.03 -4.78 -2.50
N ILE C 127 -10.05 -4.79 -1.18
CA ILE C 127 -8.84 -4.62 -0.37
C ILE C 127 -8.43 -5.96 0.22
N PRO C 128 -7.25 -6.49 -0.12
CA PRO C 128 -6.77 -7.71 0.54
C PRO C 128 -6.26 -7.41 1.95
N GLU C 129 -6.54 -8.32 2.88
CA GLU C 129 -6.14 -8.20 4.30
C GLU C 129 -6.40 -6.80 4.84
N HIS C 130 -7.63 -6.34 4.70
CA HIS C 130 -8.01 -5.04 5.23
C HIS C 130 -8.17 -5.11 6.75
N GLN C 131 -7.04 -5.15 7.44
CA GLN C 131 -6.97 -5.10 8.90
C GLN C 131 -7.32 -3.71 9.43
N ARG C 132 -8.50 -3.58 10.03
CA ARG C 132 -9.02 -2.30 10.50
C ARG C 132 -8.29 -1.79 11.74
N GLY C 133 -8.22 -0.47 11.86
CA GLY C 133 -7.92 0.19 13.10
C GLY C 133 -9.14 0.76 13.79
N ALA C 134 -9.05 0.93 15.10
CA ALA C 134 -9.98 1.77 15.82
C ALA C 134 -9.51 3.23 15.86
N HIS C 135 -10.46 4.14 15.93
CA HIS C 135 -10.14 5.57 16.09
C HIS C 135 -9.91 5.97 17.54
N ASN C 136 -8.77 6.63 17.77
CA ASN C 136 -8.49 7.42 18.97
C ASN C 136 -8.49 6.59 20.26
N THR C 137 -7.89 5.39 20.20
CA THR C 137 -7.88 4.47 21.33
C THR C 137 -6.65 3.60 21.16
N ASN C 138 -6.17 3.01 22.25
CA ASN C 138 -5.16 1.96 22.13
C ASN C 138 -5.74 0.56 21.96
N THR C 139 -7.02 0.37 22.26
CA THR C 139 -7.64 -0.94 22.22
C THR C 139 -7.94 -1.36 20.78
N SER C 140 -7.55 -2.58 20.43
CA SER C 140 -7.80 -3.12 19.10
C SER C 140 -9.29 -3.29 18.83
N PRO C 141 -9.71 -3.15 17.58
CA PRO C 141 -11.10 -3.49 17.21
C PRO C 141 -11.51 -4.86 17.73
N GLY C 142 -12.72 -4.92 18.31
CA GLY C 142 -13.28 -6.17 18.79
C GLY C 142 -13.92 -7.05 17.73
N PHE C 143 -14.33 -8.24 18.16
CA PHE C 143 -14.95 -9.21 17.27
C PHE C 143 -16.20 -8.65 16.61
N ASP C 144 -17.07 -8.00 17.38
CA ASP C 144 -18.30 -7.45 16.82
C ASP C 144 -18.10 -6.18 15.98
N ASP C 145 -16.95 -5.51 16.09
CA ASP C 145 -16.63 -4.44 15.16
C ASP C 145 -16.26 -4.99 13.80
N ILE C 146 -15.58 -6.13 13.77
CA ILE C 146 -15.05 -6.68 12.54
C ILE C 146 -16.07 -7.57 11.83
N MET C 147 -16.72 -8.45 12.56
CA MET C 147 -17.54 -9.49 11.95
C MET C 147 -18.98 -8.99 11.82
N LYS C 148 -19.39 -8.66 10.60
CA LYS C 148 -20.64 -7.97 10.34
C LYS C 148 -21.64 -8.81 9.57
N GLY C 149 -21.20 -9.86 8.90
CA GLY C 149 -22.06 -10.67 8.07
C GLY C 149 -22.59 -9.95 6.85
N GLU C 150 -23.78 -10.39 6.40
CA GLU C 150 -24.37 -9.89 5.17
C GLU C 150 -24.61 -8.38 5.19
N GLU C 151 -24.90 -7.80 6.35
CA GLU C 151 -25.18 -6.37 6.41
C GLU C 151 -23.94 -5.52 6.11
N GLY C 152 -22.76 -6.03 6.44
CA GLY C 152 -21.55 -5.25 6.35
C GLY C 152 -21.55 -4.07 7.30
N GLY C 153 -20.50 -3.26 7.18
CA GLY C 153 -20.36 -2.04 7.94
C GLY C 153 -20.28 -0.79 7.09
N THR C 154 -20.18 0.33 7.80
CA THR C 154 -19.99 1.64 7.25
C THR C 154 -18.62 2.17 7.67
N PHE C 155 -18.02 3.01 6.82
CA PHE C 155 -16.76 3.65 7.19
C PHE C 155 -16.91 4.71 8.26
N ASN C 156 -16.00 4.68 9.21
CA ASN C 156 -15.87 5.73 10.21
C ASN C 156 -15.12 6.92 9.61
N HIS C 157 -14.02 6.65 8.92
CA HIS C 157 -13.15 7.68 8.36
C HIS C 157 -12.60 7.20 7.01
N PRO C 158 -13.43 7.22 5.96
CA PRO C 158 -12.99 6.68 4.67
C PRO C 158 -11.74 7.33 4.10
N TYR C 159 -11.49 8.59 4.49
CA TYR C 159 -10.30 9.33 4.08
C TYR C 159 -8.99 8.68 4.54
N VAL C 160 -9.00 7.97 5.66
CA VAL C 160 -7.85 7.13 6.01
C VAL C 160 -8.14 5.64 5.82
N LEU C 161 -9.21 5.30 5.09
CA LEU C 161 -9.75 3.94 4.99
C LEU C 161 -9.96 3.21 6.31
N ASP C 162 -10.30 3.92 7.38
CA ASP C 162 -10.38 3.36 8.73
C ASP C 162 -9.15 2.58 9.16
N ASP C 163 -7.99 2.85 8.59
CA ASP C 163 -6.80 2.09 8.94
C ASP C 163 -5.56 2.98 9.05
N GLY C 164 -5.75 4.28 9.14
CA GLY C 164 -4.66 5.24 9.17
C GLY C 164 -3.82 5.37 7.92
N THR C 165 -4.30 4.93 6.77
CA THR C 165 -3.56 5.07 5.52
C THR C 165 -4.24 6.16 4.67
N SER C 166 -4.61 5.91 3.42
CA SER C 166 -5.37 6.93 2.72
C SER C 166 -6.27 6.37 1.63
N LEU C 167 -7.37 7.08 1.42
CA LEU C 167 -8.24 6.87 0.27
C LEU C 167 -7.55 7.19 -1.05
N ALA C 168 -6.78 8.28 -1.09
CA ALA C 168 -6.13 8.70 -2.33
C ALA C 168 -5.26 7.63 -2.97
N CYS C 169 -4.66 6.76 -2.17
CA CYS C 169 -3.79 5.72 -2.67
C CYS C 169 -4.44 4.35 -2.80
N ALA C 170 -5.72 4.22 -2.42
CA ALA C 170 -6.44 2.95 -2.50
C ALA C 170 -6.56 2.38 -3.92
N THR C 171 -6.32 3.19 -4.95
CA THR C 171 -6.30 2.69 -6.32
C THR C 171 -5.16 1.73 -6.61
N ILE C 172 -4.21 1.56 -5.70
CA ILE C 172 -3.25 0.47 -5.80
C ILE C 172 -3.93 -0.89 -5.67
N PHE C 173 -5.03 -0.98 -4.93
CA PHE C 173 -5.82 -2.20 -4.88
C PHE C 173 -6.71 -2.34 -6.11
N PRO C 174 -7.11 -3.59 -6.44
CA PRO C 174 -8.09 -3.83 -7.51
C PRO C 174 -9.39 -3.05 -7.36
N HIS C 175 -9.76 -2.25 -8.35
CA HIS C 175 -10.90 -1.35 -8.21
C HIS C 175 -11.50 -1.05 -9.58
N GLN C 176 -12.74 -0.57 -9.56
CA GLN C 176 -13.30 0.23 -10.65
C GLN C 176 -13.97 1.46 -10.04
N TRP C 177 -14.47 2.35 -10.89
CA TRP C 177 -15.34 3.42 -10.44
C TRP C 177 -16.73 3.22 -11.01
N ILE C 178 -17.73 3.68 -10.27
CA ILE C 178 -19.05 3.96 -10.81
C ILE C 178 -19.20 5.47 -10.83
N ASN C 179 -19.12 6.05 -12.02
CA ASN C 179 -19.32 7.47 -12.26
C ASN C 179 -20.68 7.61 -12.97
N LEU C 180 -21.65 8.21 -12.29
CA LEU C 180 -23.03 8.17 -12.76
C LEU C 180 -23.20 8.80 -14.13
N ARG C 181 -22.28 9.67 -14.50
CA ARG C 181 -22.16 10.16 -15.86
C ARG C 181 -21.92 9.01 -16.86
N THR C 182 -21.10 8.04 -16.48
CA THR C 182 -20.46 7.11 -17.40
C THR C 182 -21.00 5.69 -17.32
N ASN C 183 -21.20 5.15 -16.13
CA ASN C 183 -21.48 3.74 -15.97
C ASN C 183 -22.35 3.55 -14.73
N ASN C 184 -23.13 2.48 -14.73
CA ASN C 184 -24.00 2.18 -13.60
C ASN C 184 -23.61 0.92 -12.87
N SER C 185 -22.49 0.29 -13.23
CA SER C 185 -22.07 -0.93 -12.57
C SER C 185 -20.55 -1.06 -12.63
N ALA C 186 -20.02 -1.82 -11.67
CA ALA C 186 -18.61 -2.20 -11.60
C ALA C 186 -18.52 -3.70 -11.39
N THR C 187 -17.48 -4.31 -11.96
CA THR C 187 -17.24 -5.74 -11.83
C THR C 187 -15.78 -5.97 -11.46
N ILE C 188 -15.54 -6.76 -10.42
CA ILE C 188 -14.20 -7.17 -10.01
C ILE C 188 -14.17 -8.69 -9.85
N VAL C 189 -13.21 -9.34 -10.51
CA VAL C 189 -12.95 -10.76 -10.35
C VAL C 189 -11.75 -10.95 -9.42
N LEU C 190 -11.95 -11.66 -8.31
CA LEU C 190 -10.92 -11.87 -7.31
C LEU C 190 -10.40 -13.29 -7.32
N PRO C 191 -9.09 -13.51 -7.47
CA PRO C 191 -8.53 -14.84 -7.21
C PRO C 191 -8.51 -15.16 -5.72
N TRP C 192 -8.19 -16.40 -5.40
CA TRP C 192 -7.77 -16.74 -4.05
C TRP C 192 -6.57 -15.88 -3.65
N MET C 193 -6.67 -15.22 -2.50
CA MET C 193 -5.66 -14.25 -2.07
C MET C 193 -5.31 -14.50 -0.60
N ASN C 194 -4.39 -15.44 -0.37
CA ASN C 194 -4.04 -15.85 0.98
C ASN C 194 -2.61 -16.38 0.97
N ALA C 195 -1.94 -16.32 2.11
CA ALA C 195 -0.63 -16.96 2.26
C ALA C 195 -0.72 -18.47 2.45
N ALA C 196 -1.77 -18.98 2.98
CA ALA C 196 -2.03 -20.40 3.04
C ALA C 196 -2.89 -20.85 1.86
N PRO C 197 -2.77 -22.11 1.42
CA PRO C 197 -3.65 -22.57 0.34
C PRO C 197 -5.13 -22.70 0.72
N MET C 198 -5.47 -22.94 1.98
CA MET C 198 -6.86 -22.94 2.45
C MET C 198 -6.91 -22.23 3.78
N ASP C 199 -8.12 -21.89 4.21
CA ASP C 199 -8.29 -21.23 5.49
C ASP C 199 -9.60 -21.65 6.13
N PHE C 200 -9.70 -21.43 7.44
CA PHE C 200 -10.91 -21.56 8.23
C PHE C 200 -11.78 -20.33 8.03
N PRO C 201 -12.95 -20.45 7.39
CA PRO C 201 -13.68 -19.25 6.95
C PRO C 201 -14.30 -18.41 8.07
N LEU C 202 -14.35 -18.90 9.31
CA LEU C 202 -15.02 -18.15 10.37
C LEU C 202 -14.11 -17.18 11.13
N ARG C 203 -12.81 -17.18 10.89
CA ARG C 203 -11.89 -16.38 11.69
C ARG C 203 -10.91 -15.54 10.88
N HIS C 204 -10.94 -15.60 9.56
CA HIS C 204 -10.08 -14.79 8.72
C HIS C 204 -10.84 -14.39 7.47
N ASN C 205 -10.80 -13.11 7.11
CA ASN C 205 -11.38 -12.62 5.86
C ASN C 205 -10.28 -12.22 4.89
N GLN C 206 -10.30 -12.84 3.70
CA GLN C 206 -9.30 -12.56 2.68
C GLN C 206 -9.49 -11.19 2.04
N TRP C 207 -10.72 -10.82 1.74
CA TRP C 207 -11.04 -9.62 0.97
C TRP C 207 -12.05 -8.75 1.69
N THR C 208 -11.86 -7.44 1.61
CA THR C 208 -12.89 -6.48 1.94
C THR C 208 -13.32 -5.74 0.68
N LEU C 209 -14.61 -5.84 0.34
CA LEU C 209 -15.22 -4.93 -0.63
C LEU C 209 -15.50 -3.59 0.03
N ALA C 210 -15.05 -2.50 -0.59
CA ALA C 210 -15.31 -1.15 -0.11
C ALA C 210 -15.95 -0.31 -1.21
N ILE C 211 -16.99 0.43 -0.86
CA ILE C 211 -17.70 1.31 -1.77
C ILE C 211 -17.70 2.68 -1.12
N ILE C 212 -16.98 3.65 -1.72
CA ILE C 212 -16.80 4.95 -1.11
C ILE C 212 -17.21 6.07 -2.05
N PRO C 213 -18.15 6.93 -1.67
CA PRO C 213 -18.59 8.11 -2.45
C PRO C 213 -17.66 9.32 -2.38
N VAL C 214 -16.56 9.23 -3.15
CA VAL C 214 -15.60 10.32 -3.27
C VAL C 214 -16.21 11.58 -3.88
N VAL C 215 -17.17 11.43 -4.79
CA VAL C 215 -17.99 12.57 -5.21
C VAL C 215 -19.43 12.30 -4.76
N PRO C 216 -20.03 13.18 -3.97
CA PRO C 216 -21.37 12.91 -3.44
C PRO C 216 -22.45 12.95 -4.52
N LEU C 217 -23.50 12.19 -4.26
CA LEU C 217 -24.69 12.17 -5.12
C LEU C 217 -25.39 13.53 -5.17
N GLY C 218 -25.60 14.03 -6.38
CA GLY C 218 -26.23 15.33 -6.56
C GLY C 218 -27.14 15.34 -7.77
N THR C 219 -28.23 16.11 -7.65
CA THR C 219 -29.14 16.39 -8.76
C THR C 219 -29.99 17.60 -8.37
N ARG C 220 -30.68 18.17 -9.35
CA ARG C 220 -31.78 19.08 -9.07
C ARG C 220 -33.12 18.63 -9.64
N THR C 221 -33.22 17.43 -10.20
CA THR C 221 -34.53 16.82 -10.33
C THR C 221 -35.08 16.44 -8.96
N THR C 222 -36.35 16.04 -8.94
CA THR C 222 -36.96 15.46 -7.75
C THR C 222 -36.15 14.28 -7.24
N SER C 223 -35.91 14.26 -5.93
CA SER C 223 -35.15 13.18 -5.32
C SER C 223 -35.88 11.85 -5.39
N SER C 224 -35.11 10.80 -5.65
CA SER C 224 -35.55 9.43 -5.49
C SER C 224 -34.50 8.72 -4.64
N MET C 225 -34.94 7.67 -3.95
CA MET C 225 -33.98 6.76 -3.33
C MET C 225 -33.05 6.18 -4.40
N VAL C 226 -31.75 6.34 -4.19
CA VAL C 226 -30.74 5.75 -5.07
C VAL C 226 -30.02 4.63 -4.33
N PRO C 227 -30.45 3.39 -4.48
CA PRO C 227 -29.76 2.27 -3.84
C PRO C 227 -28.47 1.85 -4.56
N ILE C 228 -27.57 1.27 -3.78
CA ILE C 228 -26.41 0.53 -4.29
C ILE C 228 -26.63 -0.94 -3.94
N THR C 229 -26.50 -1.82 -4.93
CA THR C 229 -26.73 -3.26 -4.77
C THR C 229 -25.47 -4.06 -5.07
N VAL C 230 -25.17 -5.02 -4.20
CA VAL C 230 -23.98 -5.87 -4.28
C VAL C 230 -24.37 -7.32 -4.53
N SER C 231 -23.88 -7.89 -5.62
CA SER C 231 -24.00 -9.31 -5.91
C SER C 231 -22.61 -9.94 -5.94
N ILE C 232 -22.42 -11.03 -5.19
CA ILE C 232 -21.13 -11.71 -5.08
C ILE C 232 -21.30 -13.20 -5.40
N ALA C 233 -20.60 -13.67 -6.42
CA ALA C 233 -20.50 -15.11 -6.67
C ALA C 233 -19.15 -15.66 -6.23
N PRO C 234 -19.10 -16.55 -5.22
CA PRO C 234 -17.92 -17.40 -5.05
C PRO C 234 -17.57 -18.15 -6.33
N MET C 235 -16.28 -18.33 -6.56
CA MET C 235 -15.80 -19.03 -7.74
C MET C 235 -14.80 -20.11 -7.33
N CYS C 236 -14.96 -21.31 -7.90
CA CYS C 236 -14.14 -22.49 -7.55
C CYS C 236 -14.10 -22.81 -6.05
N CYS C 237 -15.26 -22.97 -5.42
CA CYS C 237 -15.32 -23.36 -4.01
C CYS C 237 -14.80 -24.77 -3.76
N GLU C 238 -13.85 -24.89 -2.83
CA GLU C 238 -13.41 -26.16 -2.26
C GLU C 238 -13.61 -26.16 -0.75
N PHE C 239 -13.98 -27.31 -0.19
CA PHE C 239 -14.11 -27.48 1.25
C PHE C 239 -13.49 -28.79 1.72
N ASN C 240 -12.78 -28.71 2.84
CA ASN C 240 -12.08 -29.82 3.46
C ASN C 240 -12.38 -29.86 4.95
N GLY C 241 -12.21 -31.04 5.53
CA GLY C 241 -12.45 -31.24 6.96
C GLY C 241 -13.91 -31.26 7.33
N LEU C 242 -14.66 -32.15 6.69
CA LEU C 242 -16.06 -32.41 7.02
C LEU C 242 -16.24 -32.89 8.46
N ARG C 243 -17.17 -32.24 9.16
CA ARG C 243 -17.63 -32.61 10.49
C ARG C 243 -19.03 -32.03 10.68
N HIS C 244 -19.50 -32.00 11.92
CA HIS C 244 -20.76 -31.34 12.24
C HIS C 244 -20.70 -29.84 11.97
N ALA C 245 -21.88 -29.23 11.84
CA ALA C 245 -21.98 -27.79 11.64
C ALA C 245 -21.66 -27.01 12.91
N ILE C 246 -20.79 -26.00 12.77
CA ILE C 246 -20.55 -25.05 13.85
C ILE C 246 -21.79 -24.19 14.07
N THR C 247 -22.26 -23.53 13.00
CA THR C 247 -23.58 -22.88 12.92
C THR C 247 -24.05 -22.13 14.16
N ILE D 30 31.13 -14.88 -1.85
CA ILE D 30 31.77 -15.74 -0.85
C ILE D 30 30.74 -16.27 0.12
N ASN D 31 30.52 -17.58 0.09
CA ASN D 31 29.58 -18.24 1.00
C ASN D 31 30.12 -19.63 1.27
N PHE D 32 30.70 -19.83 2.46
CA PHE D 32 31.17 -21.15 2.89
C PHE D 32 30.21 -21.83 3.85
N TYR D 33 29.04 -21.28 4.06
CA TYR D 33 28.04 -21.89 4.93
C TYR D 33 27.25 -22.97 4.19
N LYS D 34 26.79 -23.96 4.94
CA LYS D 34 26.11 -25.11 4.35
C LYS D 34 24.66 -24.84 3.97
N ASP D 35 23.98 -23.92 4.65
CA ASP D 35 22.61 -23.55 4.30
C ASP D 35 22.61 -22.38 3.32
N SER D 36 21.87 -22.54 2.22
CA SER D 36 21.76 -21.47 1.22
C SER D 36 21.02 -20.22 1.69
N TYR D 37 20.20 -20.29 2.72
CA TYR D 37 19.62 -19.07 3.29
C TYR D 37 20.64 -18.16 3.99
N ALA D 38 21.80 -18.68 4.39
CA ALA D 38 22.91 -17.88 4.87
C ALA D 38 23.49 -16.87 3.86
N ALA D 39 23.36 -17.13 2.56
CA ALA D 39 23.88 -16.26 1.49
C ALA D 39 23.60 -14.75 1.59
N SER D 40 24.43 -13.94 0.92
CA SER D 40 24.15 -12.54 0.62
C SER D 40 22.93 -12.37 -0.29
N ALA D 41 22.42 -11.13 -0.30
CA ALA D 41 21.18 -10.76 -0.97
C ALA D 41 21.24 -10.94 -2.49
N SER D 42 20.06 -11.17 -3.07
CA SER D 42 19.87 -11.42 -4.51
C SER D 42 19.32 -10.17 -5.21
N LYS D 43 20.23 -9.28 -5.64
CA LYS D 43 19.88 -8.00 -6.26
C LYS D 43 19.82 -8.03 -7.80
N GLN D 44 19.58 -9.17 -8.43
CA GLN D 44 19.63 -9.27 -9.89
C GLN D 44 18.29 -9.55 -10.57
N ASP D 45 17.17 -9.50 -9.85
CA ASP D 45 15.84 -9.82 -10.41
C ASP D 45 15.15 -8.61 -11.06
N PHE D 46 15.48 -8.36 -12.33
CA PHE D 46 14.99 -7.23 -13.12
C PHE D 46 13.67 -7.47 -13.87
N SER D 47 12.99 -8.60 -13.65
CA SER D 47 11.66 -8.79 -14.21
C SER D 47 10.62 -7.86 -13.60
N GLN D 48 9.86 -7.18 -14.44
CA GLN D 48 8.71 -6.37 -14.05
C GLN D 48 7.46 -6.82 -14.82
N ASP D 49 6.30 -6.66 -14.21
CA ASP D 49 5.02 -6.66 -14.93
C ASP D 49 4.08 -5.66 -14.28
N PRO D 50 4.24 -4.35 -14.55
CA PRO D 50 3.36 -3.36 -13.93
C PRO D 50 1.91 -3.42 -14.40
N SER D 51 1.64 -4.03 -15.56
CA SER D 51 0.28 -4.14 -16.09
C SER D 51 -0.68 -4.88 -15.18
N LYS D 52 -0.19 -5.77 -14.30
CA LYS D 52 -1.09 -6.37 -13.33
C LYS D 52 -1.62 -5.36 -12.31
N PHE D 53 -0.92 -4.25 -12.11
CA PHE D 53 -1.40 -3.16 -11.27
C PHE D 53 -1.96 -1.99 -12.05
N THR D 54 -1.45 -1.71 -13.24
CA THR D 54 -1.91 -0.55 -14.00
C THR D 54 -3.02 -0.88 -14.98
N GLU D 55 -3.10 -2.12 -15.45
CA GLU D 55 -4.04 -2.52 -16.49
C GLU D 55 -4.68 -3.88 -16.21
N PRO D 56 -5.24 -4.13 -15.03
CA PRO D 56 -5.95 -5.40 -14.81
C PRO D 56 -7.31 -5.48 -15.49
N VAL D 57 -7.46 -4.86 -16.65
CA VAL D 57 -8.72 -4.90 -17.39
C VAL D 57 -8.74 -6.13 -18.28
N VAL D 58 -9.91 -6.73 -18.40
CA VAL D 58 -10.04 -7.99 -19.12
C VAL D 58 -9.82 -7.79 -20.63
N GLU D 59 -10.31 -6.70 -21.20
CA GLU D 59 -9.93 -6.31 -22.55
C GLU D 59 -8.86 -5.23 -22.50
N GLY D 60 -7.67 -5.55 -23.04
CA GLY D 60 -6.57 -4.61 -22.96
C GLY D 60 -6.87 -3.30 -23.67
N LEU D 61 -6.38 -2.21 -23.09
CA LEU D 61 -6.51 -0.87 -23.67
C LEU D 61 -5.80 -0.79 -25.03
N LYS D 62 -6.21 0.18 -25.83
CA LYS D 62 -5.56 0.51 -27.09
C LYS D 62 -5.11 1.96 -27.11
N ALA D 63 -4.05 2.22 -27.88
CA ALA D 63 -3.60 3.58 -28.14
C ALA D 63 -4.44 4.26 -29.22
N GLY D 64 -4.67 3.54 -30.33
CA GLY D 64 -5.37 4.05 -31.49
C GLY D 64 -6.88 4.01 -31.43
N ALA D 65 -7.47 3.76 -30.25
CA ALA D 65 -8.92 3.70 -30.15
C ALA D 65 -9.37 4.19 -28.79
N PRO D 66 -10.54 4.82 -28.69
CA PRO D 66 -11.03 5.32 -27.40
C PRO D 66 -11.40 4.20 -26.43
N VAL D 67 -11.18 4.48 -25.14
CA VAL D 67 -11.22 3.44 -24.13
C VAL D 67 -12.61 2.83 -24.01
N LEU D 68 -13.63 3.67 -23.81
CA LEU D 68 -15.00 3.16 -23.71
C LEU D 68 -15.50 2.71 -25.06
C01 A1AIF E . 12.86 -13.71 12.02
C02 A1AIF E . 13.14 -11.89 13.43
C03 A1AIF E . 13.83 -11.37 14.50
C04 A1AIF E . 13.57 -10.10 14.94
C05 A1AIF E . 12.57 -9.36 14.36
C06 A1AIF E . 11.86 -9.89 13.29
C07 A1AIF E . 12.14 -11.18 12.80
C08 A1AIF E . 11.48 -11.79 11.75
C09 A1AIF E . 11.86 -13.05 11.36
C10 A1AIF E . 10.37 -11.12 10.95
C11 A1AIF E . 9.16 -11.76 10.72
C12 A1AIF E . 8.40 -9.95 9.46
C13 A1AIF E . 9.62 -9.31 9.67
C14 A1AIF E . 10.59 -9.91 10.38
C15 A1AIF E . 7.36 -9.23 8.63
C16 A1AIF E . 15.46 -11.93 16.41
C17 A1AIF E . 16.36 -13.11 16.70
C18 A1AIF E . 17.68 -12.87 17.05
C19 A1AIF E . 18.54 -13.91 17.30
C20 A1AIF E . 18.08 -15.23 17.25
C21 A1AIF E . 16.75 -15.46 16.93
C22 A1AIF E . 15.89 -14.41 16.66
C23 A1AIF E . 20.16 -16.11 18.12
C24 A1AIF E . 20.04 -15.74 19.59
C25 A1AIF E . 21.03 -17.35 17.97
N01 A1AIF E . 13.48 -13.12 13.04
N02 A1AIF E . 8.18 -11.17 9.99
N03 A1AIF E . 6.58 -8.67 8.02
N04 A1AIF E . 14.89 -12.16 15.09
O01 A1AIF E . 18.93 -16.31 17.50
#